data_8Y4X
#
_entry.id   8Y4X
#
_cell.length_a   1.00
_cell.length_b   1.00
_cell.length_c   1.00
_cell.angle_alpha   90.00
_cell.angle_beta   90.00
_cell.angle_gamma   90.00
#
_symmetry.space_group_name_H-M   'P 1'
#
loop_
_entity.id
_entity.type
_entity.pdbx_description
1 polymer 'N-acetylneuraminate transporter small subunit'
2 polymer 'Nanobody against FnTRAP'
3 non-polymer 'SODIUM ION'
4 non-polymer PHOSPHATIDYLETHANOLAMINE
#
loop_
_entity_poly.entity_id
_entity_poly.type
_entity_poly.pdbx_seq_one_letter_code
_entity_poly.pdbx_strand_id
1 'polypeptide(L)'
;MGGSHHHHHHGSWSHPQFEKASMTGGQQMGRDLYDDDDKDRWGSELEMKVFNKLEEWLGGSLFIGMFVILVMQIFSRQIF
NSPLIWSEELSRLIFVYVGLLGVSMGIRSQQHIMIDFLYAKFPKSMQKIIFTIIQILILACLIFFLYFGYDLFIKKEEIE
IVSLGISMKWMYLALPLITLLMLVRFYQAYSENYAQNKVYIKPIFILALMIILVLIAFIKPELFKILKLSNYFDLGEMTI
YYVLIAWLVMIFFGVPVGWSLLVACILYFALTRWKVVYFAADKLVYSLDSFSLLSVPFFILTGILMNGAGITERIFNFAK
AMLGHYTGGMGHVNVAASLIFSGMSGSAIADAGGLGQLEIKAMRDEGYDDDICGGLTAASCIIGPLVPPSISMIIYGVIA
NQSIAKLFLAGFVPGFLTTIALMIMNYFVCKKRGYKKTAKASPKERWIAFKKSFWALLTPILIIGGIFSGIFTPTEAAVI
ATFYSIILGGFIYKELTVKSFFKHCVEAVAISGVTVLMIMTVTFFGDIIAREQVAMRVAEIFIKYATSPMMVLVMINLLL
LFLGMFIDALALQFLVLPMLIPIAEQVGIDLVFFGVMTTLNMMIGILTPPMGMALFVVAQVGKMSVSTVAKGVLPFLLPI
FITLVIITIFPQIILFLPNLIVGG
;
A
2 'polypeptide(L)'
;QVQLQESGGGLVQAGGSLRLSCTTSGFNFDDYAIGWFRQAPGKEREGVSCIHCTAYTPYYARSVRDRFTISSDNATNTVF
LQMNNLRPEDTAVYYCVADATRYPYPEFYDYVGQGTQVTVSSHHHHHH
;
B
#
# COMPACT_ATOMS: atom_id res chain seq x y z
N MET A 48 26.43 6.98 22.09
CA MET A 48 25.79 6.53 23.33
C MET A 48 24.91 5.31 23.07
N LYS A 49 24.44 4.71 24.15
CA LYS A 49 23.54 3.56 24.06
C LYS A 49 22.07 3.95 23.97
N VAL A 50 21.74 5.24 24.15
CA VAL A 50 20.38 5.72 23.96
C VAL A 50 20.17 6.36 22.60
N PHE A 51 21.25 6.72 21.90
CA PHE A 51 21.11 7.14 20.51
C PHE A 51 20.89 5.96 19.59
N ASN A 52 21.53 4.83 19.86
CA ASN A 52 21.34 3.63 19.05
C ASN A 52 19.93 3.08 19.18
N LYS A 53 19.17 3.51 20.19
CA LYS A 53 17.74 3.26 20.27
C LYS A 53 17.07 4.61 20.46
N LEU A 54 16.88 5.30 19.34
CA LEU A 54 16.32 6.65 19.32
C LEU A 54 14.98 6.72 18.61
N GLU A 55 14.85 6.04 17.48
CA GLU A 55 13.55 5.93 16.83
C GLU A 55 12.55 5.22 17.74
N GLU A 56 13.02 4.31 18.58
CA GLU A 56 12.12 3.62 19.51
C GLU A 56 11.40 4.62 20.40
N TRP A 57 12.13 5.36 21.22
CA TRP A 57 11.51 6.27 22.18
C TRP A 57 11.04 7.57 21.54
N LEU A 58 11.40 7.86 20.29
CA LEU A 58 10.84 9.01 19.61
C LEU A 58 9.62 8.68 18.78
N GLY A 59 9.39 7.40 18.49
CA GLY A 59 8.21 7.00 17.76
C GLY A 59 7.14 6.53 18.70
N GLY A 60 7.52 5.84 19.79
CA GLY A 60 6.54 5.47 20.78
C GLY A 60 5.88 6.67 21.42
N SER A 61 6.67 7.68 21.79
CA SER A 61 6.12 8.87 22.43
C SER A 61 5.19 9.63 21.49
N LEU A 62 5.60 9.80 20.23
CA LEU A 62 4.75 10.49 19.27
C LEU A 62 3.51 9.67 18.94
N PHE A 63 3.63 8.33 18.91
CA PHE A 63 2.48 7.47 18.69
C PHE A 63 1.46 7.62 19.82
N ILE A 64 1.94 7.65 21.06
CA ILE A 64 1.03 7.82 22.19
C ILE A 64 0.41 9.21 22.18
N GLY A 65 1.18 10.22 21.77
CA GLY A 65 0.61 11.55 21.63
C GLY A 65 -0.48 11.62 20.58
N MET A 66 -0.24 11.01 19.41
CA MET A 66 -1.25 10.96 18.36
C MET A 66 -2.47 10.20 18.83
N PHE A 67 -2.26 9.09 19.53
CA PHE A 67 -3.36 8.30 20.07
C PHE A 67 -4.20 9.12 21.03
N VAL A 68 -3.56 9.86 21.94
CA VAL A 68 -4.30 10.68 22.89
C VAL A 68 -5.05 11.80 22.18
N ILE A 69 -4.43 12.43 21.19
CA ILE A 69 -5.09 13.52 20.47
C ILE A 69 -6.33 13.00 19.74
N LEU A 70 -6.21 11.87 19.07
CA LEU A 70 -7.35 11.32 18.34
C LEU A 70 -8.44 10.86 19.30
N VAL A 71 -8.07 10.31 20.46
CA VAL A 71 -9.05 9.92 21.47
C VAL A 71 -9.81 11.14 21.96
N MET A 72 -9.10 12.24 22.21
CA MET A 72 -9.75 13.48 22.62
C MET A 72 -10.72 13.96 21.55
N GLN A 73 -10.30 13.89 20.28
CA GLN A 73 -11.18 14.30 19.19
C GLN A 73 -12.46 13.47 19.15
N ILE A 74 -12.31 12.14 19.28
CA ILE A 74 -13.46 11.26 19.20
C ILE A 74 -14.44 11.54 20.33
N PHE A 75 -13.92 11.64 21.55
CA PHE A 75 -14.80 11.89 22.69
C PHE A 75 -15.45 13.26 22.60
N SER A 76 -14.69 14.29 22.26
CA SER A 76 -15.26 15.63 22.19
C SER A 76 -16.17 15.83 20.99
N ARG A 77 -16.16 14.93 20.02
CA ARG A 77 -17.14 15.00 18.96
C ARG A 77 -18.39 14.18 19.24
N GLN A 78 -18.26 13.04 19.92
CA GLN A 78 -19.41 12.18 20.19
C GLN A 78 -20.13 12.58 21.48
N ILE A 79 -19.42 12.55 22.61
CA ILE A 79 -20.06 12.78 23.90
C ILE A 79 -20.65 14.18 23.97
N PHE A 80 -19.91 15.17 23.48
CA PHE A 80 -20.41 16.54 23.39
C PHE A 80 -20.42 16.96 21.92
N ASN A 81 -21.30 17.91 21.60
CA ASN A 81 -21.42 18.41 20.24
C ASN A 81 -20.49 19.62 20.07
N SER A 82 -19.20 19.34 20.20
CA SER A 82 -18.17 20.38 20.10
C SER A 82 -16.89 19.79 19.55
N PRO A 83 -16.84 19.50 18.25
CA PRO A 83 -15.65 18.85 17.69
C PRO A 83 -14.45 19.79 17.68
N LEU A 84 -13.27 19.20 17.71
CA LEU A 84 -12.02 19.94 17.59
C LEU A 84 -11.64 20.10 16.14
N ILE A 85 -10.96 21.20 15.83
CA ILE A 85 -10.56 21.50 14.46
C ILE A 85 -9.08 21.29 14.22
N TRP A 86 -8.26 21.20 15.25
CA TRP A 86 -6.82 21.01 15.11
C TRP A 86 -6.40 19.56 15.34
N SER A 87 -7.35 18.63 15.41
CA SER A 87 -7.00 17.27 15.80
C SER A 87 -6.46 16.45 14.64
N GLU A 88 -7.21 16.39 13.53
CA GLU A 88 -6.81 15.56 12.40
C GLU A 88 -5.48 16.02 11.81
N GLU A 89 -5.34 17.33 11.60
CA GLU A 89 -4.14 17.85 10.96
C GLU A 89 -2.91 17.69 11.84
N LEU A 90 -3.06 17.93 13.14
CA LEU A 90 -1.94 17.71 14.06
C LEU A 90 -1.56 16.23 14.12
N SER A 91 -2.55 15.35 14.14
CA SER A 91 -2.27 13.91 14.16
C SER A 91 -1.53 13.48 12.90
N ARG A 92 -1.93 14.01 11.74
CA ARG A 92 -1.23 13.69 10.50
C ARG A 92 0.19 14.26 10.50
N LEU A 93 0.36 15.46 11.04
CA LEU A 93 1.70 16.04 11.17
C LEU A 93 2.60 15.17 12.03
N ILE A 94 2.06 14.62 13.11
CA ILE A 94 2.83 13.71 13.95
C ILE A 94 3.09 12.40 13.21
N PHE A 95 2.13 11.93 12.43
CA PHE A 95 2.29 10.66 11.74
C PHE A 95 3.34 10.73 10.65
N VAL A 96 3.56 11.89 10.06
CA VAL A 96 4.65 12.00 9.08
C VAL A 96 5.98 11.61 9.73
N TYR A 97 6.27 12.21 10.89
CA TYR A 97 7.48 11.89 11.62
C TYR A 97 7.48 10.43 12.08
N VAL A 98 6.34 9.93 12.55
CA VAL A 98 6.27 8.55 13.02
C VAL A 98 6.57 7.57 11.90
N GLY A 99 6.00 7.80 10.71
CA GLY A 99 6.24 6.92 9.59
C GLY A 99 7.68 6.99 9.11
N LEU A 100 8.26 8.19 9.11
CA LEU A 100 9.66 8.28 8.69
C LEU A 100 10.59 7.61 9.72
N LEU A 101 10.24 7.69 11.00
CA LEU A 101 11.02 6.94 12.00
C LEU A 101 10.87 5.44 11.80
N GLY A 102 9.67 4.98 11.44
CA GLY A 102 9.51 3.57 11.10
C GLY A 102 10.34 3.16 9.91
N VAL A 103 10.43 4.04 8.91
CA VAL A 103 11.28 3.78 7.75
C VAL A 103 12.74 3.67 8.16
N SER A 104 13.18 4.55 9.07
CA SER A 104 14.55 4.48 9.56
C SER A 104 14.81 3.20 10.33
N MET A 105 13.85 2.76 11.13
CA MET A 105 13.99 1.47 11.82
C MET A 105 14.10 0.33 10.82
N GLY A 106 13.28 0.36 9.76
CA GLY A 106 13.39 -0.65 8.73
C GLY A 106 14.73 -0.65 8.05
N ILE A 107 15.30 0.54 7.81
CA ILE A 107 16.63 0.61 7.22
C ILE A 107 17.67 0.00 8.15
N ARG A 108 17.58 0.30 9.44
CA ARG A 108 18.55 -0.24 10.39
C ARG A 108 18.45 -1.76 10.50
N SER A 109 17.24 -2.28 10.55
CA SER A 109 17.05 -3.72 10.73
C SER A 109 17.11 -4.50 9.42
N GLN A 110 17.17 -3.81 8.28
CA GLN A 110 17.12 -4.45 6.97
C GLN A 110 15.88 -5.32 6.83
N GLN A 111 14.74 -4.79 7.29
CA GLN A 111 13.47 -5.50 7.24
C GLN A 111 12.54 -4.99 6.15
N HIS A 112 13.03 -4.17 5.24
CA HIS A 112 12.18 -3.70 4.15
C HIS A 112 11.98 -4.81 3.14
N ILE A 113 10.76 -4.91 2.61
CA ILE A 113 10.34 -6.08 1.85
C ILE A 113 11.11 -6.14 0.53
N MET A 114 11.62 -7.32 0.21
CA MET A 114 12.28 -7.58 -1.06
C MET A 114 11.72 -8.86 -1.65
N ILE A 115 12.13 -9.15 -2.89
CA ILE A 115 11.69 -10.34 -3.60
C ILE A 115 12.93 -11.18 -3.86
N ASP A 116 13.10 -12.26 -3.09
CA ASP A 116 14.33 -13.04 -3.09
C ASP A 116 14.14 -14.42 -3.70
N PHE A 117 13.20 -14.56 -4.64
CA PHE A 117 13.02 -15.85 -5.28
C PHE A 117 14.25 -16.25 -6.08
N LEU A 118 14.82 -15.33 -6.84
CA LEU A 118 16.02 -15.60 -7.62
C LEU A 118 17.30 -15.19 -6.89
N TYR A 119 17.21 -14.27 -5.93
CA TYR A 119 18.41 -13.79 -5.27
C TYR A 119 19.10 -14.90 -4.48
N ALA A 120 18.33 -15.78 -3.84
CA ALA A 120 18.92 -16.84 -3.04
C ALA A 120 19.53 -17.95 -3.89
N LYS A 121 19.30 -17.95 -5.21
CA LYS A 121 19.80 -19.01 -6.06
C LYS A 121 21.18 -18.72 -6.66
N PHE A 122 21.70 -17.52 -6.46
CA PHE A 122 23.04 -17.20 -6.93
C PHE A 122 24.09 -17.87 -6.06
N PRO A 123 25.29 -18.10 -6.59
CA PRO A 123 26.37 -18.60 -5.75
C PRO A 123 26.80 -17.56 -4.73
N LYS A 124 27.49 -18.03 -3.70
CA LYS A 124 27.94 -17.14 -2.64
C LYS A 124 28.92 -16.09 -3.19
N SER A 125 29.82 -16.50 -4.07
CA SER A 125 30.80 -15.56 -4.60
C SER A 125 30.13 -14.47 -5.43
N MET A 126 29.15 -14.84 -6.24
CA MET A 126 28.49 -13.91 -7.15
C MET A 126 27.35 -13.15 -6.49
N GLN A 127 27.08 -13.42 -5.21
CA GLN A 127 26.02 -12.73 -4.50
C GLN A 127 26.52 -11.48 -3.78
N LYS A 128 27.79 -11.46 -3.38
CA LYS A 128 28.35 -10.28 -2.73
C LYS A 128 28.36 -9.09 -3.67
N ILE A 129 28.67 -9.31 -4.94
CA ILE A 129 28.71 -8.20 -5.91
C ILE A 129 27.32 -7.58 -6.03
N ILE A 130 26.30 -8.43 -6.18
CA ILE A 130 24.94 -7.93 -6.33
C ILE A 130 24.50 -7.20 -5.06
N PHE A 131 24.86 -7.74 -3.89
CA PHE A 131 24.44 -7.08 -2.66
C PHE A 131 25.15 -5.75 -2.46
N THR A 132 26.43 -5.67 -2.84
CA THR A 132 27.13 -4.40 -2.77
C THR A 132 26.47 -3.36 -3.67
N ILE A 133 26.10 -3.76 -4.89
CA ILE A 133 25.43 -2.82 -5.79
C ILE A 133 24.08 -2.41 -5.23
N ILE A 134 23.37 -3.34 -4.57
CA ILE A 134 22.10 -3.00 -3.96
C ILE A 134 22.29 -1.97 -2.86
N GLN A 135 23.33 -2.15 -2.04
CA GLN A 135 23.59 -1.18 -0.97
C GLN A 135 23.91 0.20 -1.55
N ILE A 136 24.68 0.25 -2.63
CA ILE A 136 24.98 1.53 -3.26
C ILE A 136 23.71 2.17 -3.81
N LEU A 137 22.81 1.37 -4.37
CA LEU A 137 21.53 1.90 -4.84
C LEU A 137 20.73 2.49 -3.69
N ILE A 138 20.72 1.81 -2.55
CA ILE A 138 20.00 2.34 -1.38
C ILE A 138 20.63 3.65 -0.92
N LEU A 139 21.95 3.73 -0.98
CA LEU A 139 22.63 4.98 -0.62
C LEU A 139 22.23 6.12 -1.55
N ALA A 140 22.15 5.85 -2.85
CA ALA A 140 21.70 6.86 -3.80
C ALA A 140 20.27 7.30 -3.50
N CYS A 141 19.41 6.34 -3.14
CA CYS A 141 18.04 6.69 -2.76
C CYS A 141 18.02 7.62 -1.54
N LEU A 142 18.85 7.31 -0.54
CA LEU A 142 18.86 8.14 0.67
C LEU A 142 19.37 9.55 0.39
N ILE A 143 20.37 9.68 -0.49
CA ILE A 143 20.87 11.01 -0.82
C ILE A 143 19.84 11.78 -1.64
N PHE A 144 19.11 11.11 -2.52
CA PHE A 144 17.99 11.75 -3.20
C PHE A 144 16.97 12.26 -2.17
N PHE A 145 16.64 11.42 -1.20
CA PHE A 145 15.72 11.83 -0.15
C PHE A 145 16.20 13.08 0.55
N LEU A 146 17.48 13.10 0.94
CA LEU A 146 18.03 14.24 1.67
C LEU A 146 17.96 15.51 0.84
N TYR A 147 18.46 15.46 -0.40
CA TYR A 147 18.51 16.66 -1.24
C TYR A 147 17.12 17.20 -1.52
N PHE A 148 16.21 16.35 -1.98
CA PHE A 148 14.90 16.81 -2.35
C PHE A 148 13.93 16.89 -1.18
N GLY A 149 14.38 16.61 0.03
CA GLY A 149 13.61 16.95 1.20
C GLY A 149 14.05 18.30 1.72
N TYR A 150 15.35 18.58 1.64
CA TYR A 150 15.84 19.90 2.01
C TYR A 150 15.30 20.97 1.08
N ASP A 151 15.26 20.68 -0.23
CA ASP A 151 14.71 21.65 -1.18
C ASP A 151 13.23 21.91 -0.91
N LEU A 152 12.46 20.85 -0.64
CA LEU A 152 11.04 21.03 -0.33
C LEU A 152 10.85 21.82 0.95
N PHE A 153 11.68 21.55 1.97
CA PHE A 153 11.60 22.30 3.22
C PHE A 153 11.89 23.78 2.98
N ILE A 154 12.89 24.08 2.15
CA ILE A 154 13.25 25.47 1.89
C ILE A 154 12.35 26.14 0.88
N LYS A 155 11.48 25.38 0.20
CA LYS A 155 10.56 25.94 -0.78
C LYS A 155 9.17 26.22 -0.24
N LYS A 156 8.73 25.50 0.79
CA LYS A 156 7.38 25.60 1.32
C LYS A 156 7.34 26.27 2.68
N GLU A 157 8.17 27.29 2.88
CA GLU A 157 8.18 28.01 4.14
C GLU A 157 7.10 29.08 4.22
N GLU A 158 6.38 29.34 3.14
CA GLU A 158 5.34 30.38 3.13
C GLU A 158 3.94 29.84 3.34
N ILE A 159 3.65 28.64 2.84
CA ILE A 159 2.31 28.06 3.01
C ILE A 159 2.12 27.65 4.47
N GLU A 160 1.03 28.11 5.06
CA GLU A 160 0.77 27.89 6.48
C GLU A 160 -0.41 26.95 6.67
N ILE A 161 -0.29 26.03 7.62
CA ILE A 161 -1.39 25.16 7.97
C ILE A 161 -2.45 25.98 8.69
N VAL A 162 -3.68 25.92 8.19
CA VAL A 162 -4.72 26.84 8.66
C VAL A 162 -5.08 26.55 10.11
N SER A 163 -5.34 25.28 10.44
CA SER A 163 -5.84 24.95 11.77
C SER A 163 -4.77 25.15 12.83
N LEU A 164 -3.56 24.64 12.59
CA LEU A 164 -2.51 24.72 13.60
C LEU A 164 -1.93 26.12 13.69
N GLY A 165 -1.89 26.86 12.57
CA GLY A 165 -1.27 28.16 12.54
C GLY A 165 0.21 28.16 12.24
N ILE A 166 0.84 26.99 12.17
CA ILE A 166 2.26 26.89 11.86
C ILE A 166 2.43 26.76 10.35
N SER A 167 3.64 27.02 9.88
CA SER A 167 3.93 26.90 8.46
C SER A 167 4.04 25.43 8.07
N MET A 168 3.79 25.15 6.78
CA MET A 168 3.80 23.79 6.28
C MET A 168 5.18 23.15 6.39
N LYS A 169 6.24 23.96 6.51
CA LYS A 169 7.60 23.42 6.51
C LYS A 169 7.80 22.44 7.66
N TRP A 170 7.10 22.64 8.77
CA TRP A 170 7.25 21.76 9.93
C TRP A 170 6.84 20.34 9.62
N MET A 171 6.08 20.12 8.55
CA MET A 171 5.86 18.77 8.06
C MET A 171 7.01 18.32 7.18
N TYR A 172 7.38 19.14 6.18
CA TYR A 172 8.41 18.74 5.23
C TYR A 172 9.78 18.65 5.88
N LEU A 173 9.98 19.35 6.99
CA LEU A 173 11.22 19.20 7.75
C LEU A 173 11.46 17.76 8.16
N ALA A 174 10.39 16.96 8.26
CA ALA A 174 10.56 15.55 8.63
C ALA A 174 11.36 14.78 7.59
N LEU A 175 11.34 15.21 6.33
CA LEU A 175 11.96 14.38 5.29
C LEU A 175 13.49 14.41 5.34
N PRO A 176 14.16 15.58 5.39
CA PRO A 176 15.63 15.55 5.47
C PRO A 176 16.14 15.25 6.87
N LEU A 177 15.44 15.75 7.89
CA LEU A 177 15.91 15.63 9.26
C LEU A 177 16.04 14.17 9.66
N ILE A 178 15.03 13.37 9.36
CA ILE A 178 15.12 11.93 9.63
C ILE A 178 16.11 11.29 8.68
N THR A 179 16.25 11.82 7.46
CA THR A 179 17.10 11.17 6.46
C THR A 179 18.54 11.10 6.90
N LEU A 180 19.05 12.16 7.53
CA LEU A 180 20.38 12.09 8.15
C LEU A 180 20.46 10.89 9.07
N LEU A 181 19.48 10.76 9.96
CA LEU A 181 19.39 9.57 10.81
C LEU A 181 19.44 8.30 9.97
N MET A 182 18.64 8.24 8.91
CA MET A 182 18.67 7.07 8.04
C MET A 182 20.08 6.76 7.60
N LEU A 183 20.81 7.77 7.13
CA LEU A 183 22.17 7.55 6.67
C LEU A 183 23.00 6.91 7.77
N VAL A 184 22.91 7.47 8.99
CA VAL A 184 23.58 6.86 10.14
C VAL A 184 23.25 5.38 10.20
N ARG A 185 21.95 5.07 10.28
CA ARG A 185 21.53 3.68 10.35
C ARG A 185 22.10 2.89 9.18
N PHE A 186 22.00 3.45 7.97
CA PHE A 186 22.51 2.75 6.80
C PHE A 186 23.95 2.32 7.03
N TYR A 187 24.80 3.26 7.46
CA TYR A 187 26.20 2.93 7.65
C TYR A 187 26.35 1.80 8.64
N GLN A 188 25.66 1.89 9.78
CA GLN A 188 25.73 0.83 10.77
C GLN A 188 25.31 -0.49 10.15
N ALA A 189 24.19 -0.48 9.42
CA ALA A 189 23.75 -1.69 8.74
C ALA A 189 24.86 -2.23 7.85
N TYR A 190 25.46 -1.35 7.04
CA TYR A 190 26.51 -1.81 6.14
C TYR A 190 27.67 -2.40 6.91
N SER A 191 28.04 -1.79 8.05
CA SER A 191 29.11 -2.34 8.84
C SER A 191 28.77 -3.76 9.29
N GLU A 192 27.53 -3.97 9.73
CA GLU A 192 27.08 -5.32 10.03
C GLU A 192 27.22 -6.21 8.80
N ASN A 193 26.76 -5.72 7.64
CA ASN A 193 26.88 -6.50 6.41
C ASN A 193 28.32 -6.76 6.05
N TYR A 194 29.26 -5.94 6.52
CA TYR A 194 30.65 -6.23 6.27
C TYR A 194 31.27 -7.15 7.31
N ALA A 195 30.73 -7.15 8.54
CA ALA A 195 31.28 -8.04 9.55
C ALA A 195 30.97 -9.50 9.25
N GLN A 196 29.94 -9.76 8.45
CA GLN A 196 29.54 -11.11 8.07
C GLN A 196 29.99 -11.50 6.67
N ASN A 197 30.83 -10.66 6.04
CA ASN A 197 31.31 -10.88 4.67
C ASN A 197 30.15 -10.98 3.68
N LYS A 198 29.16 -10.12 3.83
CA LYS A 198 28.04 -10.05 2.90
C LYS A 198 28.21 -8.99 1.82
N VAL A 199 29.30 -8.22 1.84
CA VAL A 199 29.60 -7.21 0.83
C VAL A 199 31.07 -7.31 0.45
N TYR A 200 31.53 -6.35 -0.34
CA TYR A 200 32.89 -6.35 -0.87
C TYR A 200 33.68 -5.09 -0.55
N ILE A 201 33.02 -3.96 -0.36
CA ILE A 201 33.70 -2.68 -0.16
C ILE A 201 33.87 -2.43 1.33
N LYS A 202 35.09 -2.08 1.74
CA LYS A 202 35.34 -1.82 3.14
C LYS A 202 34.50 -0.64 3.62
N PRO A 203 33.87 -0.73 4.78
CA PRO A 203 32.93 0.32 5.19
C PRO A 203 33.61 1.54 5.77
N ILE A 204 34.70 1.97 5.16
CA ILE A 204 35.28 3.27 5.40
C ILE A 204 35.25 4.00 4.07
N PHE A 205 35.36 3.23 2.98
CA PHE A 205 35.13 3.79 1.65
C PHE A 205 33.68 4.19 1.49
N ILE A 206 32.76 3.42 2.07
CA ILE A 206 31.35 3.78 2.01
C ILE A 206 31.10 5.06 2.82
N LEU A 207 31.75 5.20 3.98
CA LEU A 207 31.60 6.43 4.74
C LEU A 207 32.18 7.63 3.99
N ALA A 208 33.35 7.45 3.39
CA ALA A 208 33.95 8.53 2.60
C ALA A 208 33.07 8.91 1.43
N LEU A 209 32.52 7.92 0.73
CA LEU A 209 31.61 8.19 -0.37
C LEU A 209 30.35 8.90 0.12
N MET A 210 29.83 8.49 1.28
CA MET A 210 28.63 9.12 1.81
C MET A 210 28.86 10.59 2.12
N ILE A 211 29.94 10.90 2.83
CA ILE A 211 30.20 12.29 3.19
C ILE A 211 30.57 13.10 1.96
N ILE A 212 31.29 12.49 1.00
CA ILE A 212 31.62 13.20 -0.24
C ILE A 212 30.35 13.54 -1.01
N LEU A 213 29.43 12.60 -1.13
CA LEU A 213 28.20 12.85 -1.86
C LEU A 213 27.34 13.89 -1.16
N VAL A 214 27.27 13.84 0.18
CA VAL A 214 26.50 14.86 0.89
C VAL A 214 27.13 16.24 0.71
N LEU A 215 28.46 16.33 0.80
CA LEU A 215 29.13 17.61 0.62
C LEU A 215 28.95 18.14 -0.79
N ILE A 216 29.00 17.27 -1.80
CA ILE A 216 28.76 17.72 -3.16
C ILE A 216 27.31 18.15 -3.33
N ALA A 217 26.38 17.42 -2.72
CA ALA A 217 24.96 17.77 -2.87
C ALA A 217 24.62 19.09 -2.20
N PHE A 218 25.34 19.45 -1.14
CA PHE A 218 25.04 20.69 -0.43
C PHE A 218 26.11 21.77 -0.61
N ILE A 219 27.08 21.57 -1.50
CA ILE A 219 28.10 22.57 -1.75
C ILE A 219 28.09 22.95 -3.23
N LYS A 220 28.34 21.97 -4.10
CA LYS A 220 28.36 22.17 -5.54
C LYS A 220 27.56 21.05 -6.19
N PRO A 221 26.23 21.18 -6.20
CA PRO A 221 25.40 20.15 -6.84
C PRO A 221 25.64 20.02 -8.33
N GLU A 222 26.25 21.03 -8.96
CA GLU A 222 26.50 20.99 -10.40
C GLU A 222 27.29 19.77 -10.81
N LEU A 223 28.16 19.25 -9.92
CA LEU A 223 28.97 18.10 -10.26
C LEU A 223 28.14 16.84 -10.48
N PHE A 224 26.86 16.86 -10.11
CA PHE A 224 25.97 15.75 -10.42
C PHE A 224 25.52 15.72 -11.86
N LYS A 225 25.68 16.81 -12.61
CA LYS A 225 25.24 16.84 -14.00
C LYS A 225 26.03 15.88 -14.88
N ILE A 226 27.15 15.35 -14.40
CA ILE A 226 27.84 14.28 -15.11
C ILE A 226 26.95 13.05 -15.19
N LEU A 227 26.25 12.73 -14.10
CA LEU A 227 25.43 11.53 -14.05
C LEU A 227 24.14 11.65 -14.84
N LYS A 228 23.77 12.85 -15.29
CA LYS A 228 22.51 13.03 -16.00
C LYS A 228 22.53 12.21 -17.28
N LEU A 229 21.72 11.15 -17.34
CA LEU A 229 21.77 10.23 -18.46
C LEU A 229 21.18 10.80 -19.74
N SER A 230 20.34 11.84 -19.64
CA SER A 230 19.78 12.42 -20.85
C SER A 230 20.83 13.11 -21.70
N ASN A 231 22.03 13.34 -21.17
CA ASN A 231 23.14 13.84 -21.97
C ASN A 231 23.75 12.75 -22.86
N TYR A 232 23.52 11.49 -22.53
CA TYR A 232 24.13 10.37 -23.25
C TYR A 232 23.15 9.59 -24.09
N PHE A 233 21.96 9.29 -23.58
CA PHE A 233 20.98 8.45 -24.24
C PHE A 233 19.84 9.28 -24.79
N ASP A 234 19.40 8.94 -26.00
CA ASP A 234 18.18 9.51 -26.59
C ASP A 234 17.31 8.32 -27.01
N LEU A 235 16.49 7.84 -26.07
CA LEU A 235 15.63 6.70 -26.30
C LEU A 235 14.28 7.10 -26.90
N GLY A 236 14.00 8.39 -27.04
CA GLY A 236 12.76 8.82 -27.64
C GLY A 236 11.61 8.74 -26.66
N GLU A 237 10.41 8.49 -27.21
CA GLU A 237 9.21 8.42 -26.39
C GLU A 237 9.09 7.13 -25.59
N MET A 238 9.81 6.08 -26.00
CA MET A 238 9.74 4.79 -25.32
C MET A 238 10.88 4.61 -24.31
N THR A 239 11.06 5.58 -23.41
CA THR A 239 11.96 5.38 -22.29
C THR A 239 11.29 4.64 -21.15
N ILE A 240 9.98 4.84 -20.96
CA ILE A 240 9.28 4.19 -19.87
C ILE A 240 9.29 2.68 -20.03
N TYR A 241 9.39 2.20 -21.27
CA TYR A 241 9.46 0.77 -21.50
C TYR A 241 10.86 0.21 -21.33
N TYR A 242 11.86 1.06 -21.12
CA TYR A 242 13.18 0.61 -20.71
C TYR A 242 13.31 0.60 -19.19
N VAL A 243 13.03 1.74 -18.55
CA VAL A 243 13.15 1.81 -17.10
C VAL A 243 12.31 0.72 -16.45
N LEU A 244 11.12 0.47 -16.99
CA LEU A 244 10.27 -0.60 -16.47
C LEU A 244 11.02 -1.92 -16.42
N ILE A 245 11.63 -2.33 -17.55
CA ILE A 245 12.35 -3.59 -17.53
C ILE A 245 13.55 -3.48 -16.60
N ALA A 246 14.20 -2.30 -16.57
CA ALA A 246 15.25 -2.08 -15.59
C ALA A 246 14.71 -2.29 -14.19
N TRP A 247 13.55 -1.70 -13.90
CA TRP A 247 12.90 -1.93 -12.62
C TRP A 247 12.75 -3.43 -12.36
N LEU A 248 12.26 -4.16 -13.35
CA LEU A 248 12.06 -5.60 -13.16
C LEU A 248 13.38 -6.27 -12.82
N VAL A 249 14.45 -5.90 -13.53
CA VAL A 249 15.76 -6.47 -13.22
C VAL A 249 16.11 -6.18 -11.77
N MET A 250 15.97 -4.93 -11.35
CA MET A 250 16.27 -4.59 -9.96
C MET A 250 15.39 -5.38 -9.01
N ILE A 251 14.13 -5.61 -9.41
CA ILE A 251 13.22 -6.35 -8.53
C ILE A 251 13.67 -7.80 -8.40
N PHE A 252 14.20 -8.39 -9.47
CA PHE A 252 14.53 -9.80 -9.45
C PHE A 252 15.97 -10.07 -9.03
N PHE A 253 16.76 -9.04 -8.78
CA PHE A 253 18.08 -9.18 -8.18
C PHE A 253 18.07 -8.93 -6.68
N GLY A 254 16.91 -8.67 -6.09
CA GLY A 254 16.80 -8.54 -4.66
C GLY A 254 16.74 -7.13 -4.12
N VAL A 255 16.63 -6.12 -4.97
CA VAL A 255 16.49 -4.76 -4.46
C VAL A 255 15.15 -4.62 -3.76
N PRO A 256 15.08 -3.98 -2.59
CA PRO A 256 13.79 -3.80 -1.91
C PRO A 256 12.80 -3.05 -2.79
N VAL A 257 11.52 -3.33 -2.59
CA VAL A 257 10.49 -2.81 -3.49
C VAL A 257 10.46 -1.28 -3.45
N GLY A 258 10.53 -0.70 -2.26
CA GLY A 258 10.49 0.75 -2.17
C GLY A 258 11.69 1.40 -2.83
N TRP A 259 12.88 0.87 -2.59
CA TRP A 259 14.08 1.42 -3.19
C TRP A 259 14.11 1.16 -4.69
N SER A 260 13.60 0.00 -5.13
CA SER A 260 13.52 -0.26 -6.57
C SER A 260 12.60 0.74 -7.26
N LEU A 261 11.44 1.01 -6.67
CA LEU A 261 10.53 2.00 -7.27
C LEU A 261 11.16 3.38 -7.29
N LEU A 262 11.85 3.76 -6.21
CA LEU A 262 12.48 5.08 -6.20
C LEU A 262 13.59 5.17 -7.25
N VAL A 263 14.38 4.12 -7.41
CA VAL A 263 15.42 4.15 -8.43
C VAL A 263 14.81 4.19 -9.83
N ALA A 264 13.68 3.51 -10.02
CA ALA A 264 13.00 3.59 -11.32
C ALA A 264 12.54 5.01 -11.61
N CYS A 265 11.99 5.70 -10.61
CA CYS A 265 11.60 7.09 -10.81
C CYS A 265 12.81 7.98 -11.12
N ILE A 266 13.92 7.77 -10.40
CA ILE A 266 15.12 8.54 -10.64
C ILE A 266 15.64 8.30 -12.06
N LEU A 267 15.65 7.05 -12.50
CA LEU A 267 16.09 6.73 -13.85
C LEU A 267 15.20 7.39 -14.89
N TYR A 268 13.88 7.32 -14.70
CA TYR A 268 12.98 7.91 -15.69
C TYR A 268 13.18 9.41 -15.78
N PHE A 269 13.32 10.09 -14.65
CA PHE A 269 13.49 11.54 -14.70
C PHE A 269 14.88 11.96 -15.14
N ALA A 270 15.89 11.10 -14.98
CA ALA A 270 17.21 11.41 -15.53
C ALA A 270 17.27 11.18 -17.03
N LEU A 271 16.50 10.22 -17.54
CA LEU A 271 16.54 9.91 -18.97
C LEU A 271 15.79 10.94 -19.81
N THR A 272 14.71 11.53 -19.29
CA THR A 272 13.96 12.53 -20.04
C THR A 272 14.34 13.96 -19.70
N ARG A 273 14.06 14.39 -18.47
CA ARG A 273 14.26 15.78 -18.07
C ARG A 273 14.28 15.85 -16.55
N TRP A 274 15.41 16.25 -15.99
CA TRP A 274 15.55 16.26 -14.54
C TRP A 274 14.75 17.38 -13.89
N LYS A 275 14.46 18.46 -14.62
CA LYS A 275 13.90 19.66 -14.01
C LYS A 275 12.54 19.40 -13.35
N VAL A 276 11.87 18.31 -13.68
CA VAL A 276 10.56 18.03 -13.11
C VAL A 276 10.63 17.23 -11.81
N VAL A 277 11.77 16.58 -11.52
CA VAL A 277 11.85 15.80 -10.29
C VAL A 277 11.88 16.72 -9.07
N TYR A 278 12.14 18.00 -9.26
CA TYR A 278 11.99 18.96 -8.17
C TYR A 278 10.54 19.18 -7.78
N PHE A 279 9.60 18.90 -8.69
CA PHE A 279 8.19 19.08 -8.42
C PHE A 279 7.46 17.79 -8.12
N ALA A 280 7.91 16.67 -8.68
CA ALA A 280 7.28 15.40 -8.42
C ALA A 280 7.65 14.83 -7.06
N ALA A 281 8.83 15.20 -6.54
CA ALA A 281 9.28 14.66 -5.26
C ALA A 281 8.34 15.00 -4.11
N ASP A 282 7.47 16.01 -4.29
CA ASP A 282 6.49 16.34 -3.28
C ASP A 282 5.61 15.15 -2.94
N LYS A 283 5.38 14.26 -3.92
CA LYS A 283 4.55 13.08 -3.67
C LYS A 283 5.17 12.13 -2.67
N LEU A 284 6.44 12.33 -2.31
CA LEU A 284 7.04 11.52 -1.24
C LEU A 284 6.55 11.92 0.14
N VAL A 285 5.97 13.11 0.30
CA VAL A 285 5.48 13.57 1.58
C VAL A 285 3.97 13.74 1.59
N TYR A 286 3.39 14.19 0.48
CA TYR A 286 1.94 14.33 0.39
C TYR A 286 1.23 12.99 0.55
N SER A 287 1.93 11.88 0.32
CA SER A 287 1.33 10.56 0.45
C SER A 287 1.29 10.07 1.90
N LEU A 288 1.99 10.72 2.81
CA LEU A 288 1.91 10.38 4.23
C LEU A 288 0.94 11.25 5.00
N ASP A 289 0.67 12.47 4.52
CA ASP A 289 -0.29 13.36 5.16
C ASP A 289 -1.71 12.92 4.78
N SER A 290 -2.03 11.68 5.14
CA SER A 290 -3.32 11.08 4.83
C SER A 290 -3.97 10.60 6.10
N PHE A 291 -5.24 10.95 6.30
CA PHE A 291 -5.95 10.51 7.49
C PHE A 291 -6.38 9.05 7.40
N SER A 292 -6.57 8.54 6.18
CA SER A 292 -6.89 7.13 6.01
C SER A 292 -5.69 6.22 6.22
N LEU A 293 -4.49 6.79 6.31
CA LEU A 293 -3.29 5.99 6.57
C LEU A 293 -2.98 5.85 8.04
N LEU A 294 -3.46 6.76 8.89
CA LEU A 294 -3.27 6.62 10.32
C LEU A 294 -3.84 5.32 10.85
N SER A 295 -4.84 4.75 10.16
CA SER A 295 -5.43 3.49 10.59
C SER A 295 -4.52 2.30 10.36
N VAL A 296 -3.46 2.46 9.56
CA VAL A 296 -2.53 1.35 9.36
C VAL A 296 -1.81 0.97 10.65
N PRO A 297 -1.21 1.89 11.41
CA PRO A 297 -0.58 1.46 12.66
C PRO A 297 -1.56 1.04 13.74
N PHE A 298 -2.67 1.78 13.90
CA PHE A 298 -3.60 1.45 14.98
C PHE A 298 -4.17 0.05 14.81
N PHE A 299 -4.61 -0.29 13.60
CA PHE A 299 -5.11 -1.65 13.37
C PHE A 299 -4.01 -2.68 13.57
N ILE A 300 -2.76 -2.30 13.38
CA ILE A 300 -1.66 -3.17 13.79
C ILE A 300 -1.55 -3.21 15.31
N LEU A 301 -1.64 -2.05 15.95
CA LEU A 301 -1.46 -1.99 17.40
C LEU A 301 -2.54 -2.80 18.11
N THR A 302 -3.80 -2.61 17.73
CA THR A 302 -4.87 -3.39 18.33
C THR A 302 -4.80 -4.86 17.97
N GLY A 303 -3.97 -5.23 16.98
CA GLY A 303 -3.73 -6.63 16.72
C GLY A 303 -2.65 -7.25 17.58
N ILE A 304 -1.93 -6.44 18.35
CA ILE A 304 -0.93 -6.94 19.29
C ILE A 304 -1.42 -6.82 20.72
N LEU A 305 -2.10 -5.73 21.05
CA LEU A 305 -2.68 -5.59 22.38
C LEU A 305 -3.76 -6.63 22.64
N MET A 306 -4.30 -7.24 21.59
CA MET A 306 -5.26 -8.33 21.73
C MET A 306 -4.58 -9.69 21.81
N ASN A 307 -3.26 -9.75 21.72
CA ASN A 307 -2.52 -10.99 21.94
C ASN A 307 -1.65 -10.94 23.18
N GLY A 308 -0.95 -9.83 23.40
CA GLY A 308 -0.10 -9.69 24.57
C GLY A 308 -0.84 -9.45 25.86
N ALA A 309 -2.14 -9.18 25.80
CA ALA A 309 -2.96 -9.05 26.98
C ALA A 309 -3.58 -10.36 27.41
N GLY A 310 -3.25 -11.47 26.74
CA GLY A 310 -3.86 -12.76 27.03
C GLY A 310 -5.34 -12.80 26.74
N ILE A 311 -5.76 -12.17 25.65
CA ILE A 311 -7.18 -12.10 25.30
C ILE A 311 -7.56 -13.23 24.35
N THR A 312 -6.68 -13.56 23.40
CA THR A 312 -7.01 -14.60 22.43
C THR A 312 -7.21 -15.95 23.09
N GLU A 313 -6.56 -16.20 24.22
CA GLU A 313 -6.79 -17.45 24.95
C GLU A 313 -8.24 -17.54 25.43
N ARG A 314 -8.79 -16.43 25.93
CA ARG A 314 -10.16 -16.44 26.40
C ARG A 314 -11.14 -16.67 25.25
N ILE A 315 -10.89 -16.04 24.10
CA ILE A 315 -11.75 -16.24 22.94
C ILE A 315 -11.69 -17.69 22.47
N PHE A 316 -10.50 -18.27 22.42
CA PHE A 316 -10.39 -19.66 22.03
C PHE A 316 -11.10 -20.57 23.01
N ASN A 317 -11.01 -20.27 24.30
CA ASN A 317 -11.72 -21.08 25.30
C ASN A 317 -13.23 -21.01 25.09
N PHE A 318 -13.75 -19.82 24.80
CA PHE A 318 -15.18 -19.70 24.53
C PHE A 318 -15.59 -20.51 23.31
N ALA A 319 -14.80 -20.41 22.23
CA ALA A 319 -15.12 -21.18 21.02
C ALA A 319 -15.07 -22.68 21.30
N LYS A 320 -14.06 -23.12 22.05
CA LYS A 320 -13.92 -24.53 22.37
C LYS A 320 -15.07 -25.01 23.25
N ALA A 321 -15.62 -24.13 24.08
CA ALA A 321 -16.80 -24.51 24.87
C ALA A 321 -18.03 -24.65 24.00
N MET A 322 -18.31 -23.66 23.14
CA MET A 322 -19.53 -23.69 22.35
C MET A 322 -19.53 -24.84 21.34
N LEU A 323 -18.47 -24.93 20.53
CA LEU A 323 -18.30 -26.02 19.59
C LEU A 323 -17.46 -27.12 20.25
N GLY A 324 -16.95 -28.04 19.45
CA GLY A 324 -16.00 -29.02 19.94
C GLY A 324 -16.61 -30.37 20.27
N HIS A 325 -17.92 -30.43 20.49
CA HIS A 325 -18.60 -31.71 20.69
C HIS A 325 -19.26 -32.20 19.42
N TYR A 326 -18.96 -31.58 18.28
CA TYR A 326 -19.54 -31.94 17.00
C TYR A 326 -18.66 -32.97 16.30
N THR A 327 -19.01 -33.32 15.07
CA THR A 327 -18.15 -34.16 14.24
C THR A 327 -17.03 -33.30 13.70
N GLY A 328 -15.79 -33.68 13.99
CA GLY A 328 -14.69 -32.78 13.71
C GLY A 328 -14.83 -31.48 14.46
N GLY A 329 -15.18 -31.55 15.74
CA GLY A 329 -15.51 -30.35 16.48
C GLY A 329 -14.35 -29.41 16.65
N MET A 330 -13.14 -29.94 16.80
CA MET A 330 -11.99 -29.08 17.03
C MET A 330 -11.67 -28.25 15.78
N GLY A 331 -11.93 -28.78 14.59
CA GLY A 331 -11.80 -27.96 13.41
C GLY A 331 -12.79 -26.82 13.39
N HIS A 332 -14.03 -27.07 13.81
CA HIS A 332 -15.01 -26.00 13.92
C HIS A 332 -14.55 -24.96 14.93
N VAL A 333 -13.96 -25.41 16.04
CA VAL A 333 -13.42 -24.49 17.04
C VAL A 333 -12.33 -23.63 16.43
N ASN A 334 -11.43 -24.25 15.68
CA ASN A 334 -10.36 -23.52 14.99
C ASN A 334 -10.93 -22.44 14.09
N VAL A 335 -11.87 -22.81 13.22
CA VAL A 335 -12.39 -21.86 12.24
C VAL A 335 -13.20 -20.77 12.93
N ALA A 336 -13.98 -21.12 13.95
CA ALA A 336 -14.79 -20.12 14.65
C ALA A 336 -13.92 -19.15 15.44
N ALA A 337 -12.86 -19.65 16.07
CA ALA A 337 -11.93 -18.77 16.76
C ALA A 337 -11.27 -17.81 15.78
N SER A 338 -10.84 -18.32 14.62
CA SER A 338 -10.26 -17.43 13.61
C SER A 338 -11.27 -16.42 13.11
N LEU A 339 -12.53 -16.83 12.96
CA LEU A 339 -13.56 -15.91 12.49
C LEU A 339 -13.82 -14.80 13.50
N ILE A 340 -13.90 -15.14 14.79
CA ILE A 340 -14.14 -14.11 15.80
C ILE A 340 -12.93 -13.21 15.95
N PHE A 341 -11.72 -13.78 15.88
CA PHE A 341 -10.51 -12.99 16.01
C PHE A 341 -10.24 -12.13 14.78
N SER A 342 -10.82 -12.47 13.63
CA SER A 342 -10.65 -11.65 12.45
C SER A 342 -11.38 -10.32 12.55
N GLY A 343 -12.33 -10.20 13.47
CA GLY A 343 -13.02 -8.94 13.67
C GLY A 343 -12.24 -7.92 14.47
N MET A 344 -11.07 -8.30 14.98
CA MET A 344 -10.22 -7.40 15.74
C MET A 344 -8.89 -7.13 15.04
N SER A 345 -8.18 -8.18 14.65
CA SER A 345 -6.94 -8.02 13.91
C SER A 345 -7.22 -7.86 12.43
N GLY A 346 -6.21 -7.39 11.70
CA GLY A 346 -6.35 -7.21 10.28
C GLY A 346 -5.24 -7.88 9.48
N SER A 347 -4.58 -8.87 10.08
CA SER A 347 -3.49 -9.57 9.43
C SER A 347 -3.65 -11.07 9.61
N ALA A 348 -3.24 -11.83 8.60
CA ALA A 348 -3.28 -13.27 8.69
C ALA A 348 -2.13 -13.82 9.54
N ILE A 349 -0.95 -13.20 9.43
CA ILE A 349 0.20 -13.67 10.19
C ILE A 349 -0.01 -13.46 11.68
N ALA A 350 -0.64 -12.35 12.06
CA ALA A 350 -0.98 -12.14 13.47
C ALA A 350 -1.93 -13.22 13.95
N ASP A 351 -2.93 -13.56 13.14
CA ASP A 351 -3.87 -14.62 13.50
C ASP A 351 -3.14 -15.94 13.71
N ALA A 352 -2.28 -16.32 12.76
CA ALA A 352 -1.55 -17.58 12.88
C ALA A 352 -0.67 -17.58 14.11
N GLY A 353 0.12 -16.52 14.30
CA GLY A 353 1.01 -16.48 15.45
C GLY A 353 0.29 -16.48 16.77
N GLY A 354 -0.88 -15.86 16.84
CA GLY A 354 -1.60 -15.76 18.09
C GLY A 354 -2.46 -16.94 18.43
N LEU A 355 -2.88 -17.73 17.44
CA LEU A 355 -3.79 -18.83 17.71
C LEU A 355 -3.27 -20.20 17.32
N GLY A 356 -2.14 -20.31 16.63
CA GLY A 356 -1.71 -21.59 16.11
C GLY A 356 -1.37 -22.59 17.20
N GLN A 357 -0.64 -22.16 18.21
CA GLN A 357 -0.24 -23.08 19.28
C GLN A 357 -1.46 -23.62 20.01
N LEU A 358 -2.38 -22.73 20.38
CA LEU A 358 -3.59 -23.15 21.08
C LEU A 358 -4.40 -24.11 20.25
N GLU A 359 -4.65 -23.75 18.98
CA GLU A 359 -5.52 -24.57 18.14
C GLU A 359 -4.89 -25.91 17.83
N ILE A 360 -3.59 -25.94 17.52
CA ILE A 360 -2.93 -27.20 17.22
C ILE A 360 -2.90 -28.08 18.46
N LYS A 361 -2.63 -27.52 19.63
CA LYS A 361 -2.64 -28.32 20.86
C LYS A 361 -4.03 -28.91 21.12
N ALA A 362 -5.08 -28.08 20.98
CA ALA A 362 -6.42 -28.57 21.23
C ALA A 362 -6.83 -29.65 20.24
N MET A 363 -6.43 -29.50 18.97
CA MET A 363 -6.77 -30.49 17.97
C MET A 363 -6.01 -31.78 18.18
N ARG A 364 -4.72 -31.70 18.53
CA ARG A 364 -3.95 -32.91 18.74
C ARG A 364 -4.24 -33.59 20.07
N ASP A 365 -4.89 -32.90 21.01
CA ASP A 365 -5.38 -33.57 22.20
C ASP A 365 -6.47 -34.59 21.87
N GLU A 366 -7.18 -34.42 20.76
CA GLU A 366 -8.30 -35.27 20.40
C GLU A 366 -7.92 -36.35 19.40
N GLY A 367 -6.62 -36.57 19.18
CA GLY A 367 -6.18 -37.62 18.28
C GLY A 367 -6.17 -37.26 16.81
N TYR A 368 -6.24 -35.98 16.48
CA TYR A 368 -6.18 -35.56 15.08
C TYR A 368 -4.79 -35.77 14.52
N ASP A 369 -4.73 -36.07 13.22
CA ASP A 369 -3.45 -36.22 12.56
C ASP A 369 -2.78 -34.86 12.38
N ASP A 370 -1.45 -34.89 12.23
CA ASP A 370 -0.70 -33.64 12.11
C ASP A 370 -1.07 -32.89 10.84
N ASP A 371 -1.29 -33.61 9.74
CA ASP A 371 -1.53 -32.96 8.46
C ASP A 371 -2.79 -32.11 8.50
N ILE A 372 -3.88 -32.65 9.04
CA ILE A 372 -5.13 -31.90 9.09
C ILE A 372 -5.02 -30.74 10.06
N CYS A 373 -4.35 -30.94 11.19
CA CYS A 373 -4.14 -29.85 12.14
C CYS A 373 -3.44 -28.68 11.47
N GLY A 374 -2.29 -28.94 10.85
CA GLY A 374 -1.55 -27.87 10.20
C GLY A 374 -2.32 -27.26 9.06
N GLY A 375 -2.94 -28.09 8.23
CA GLY A 375 -3.67 -27.56 7.09
C GLY A 375 -4.81 -26.66 7.48
N LEU A 376 -5.61 -27.07 8.48
CA LEU A 376 -6.75 -26.27 8.87
C LEU A 376 -6.31 -25.00 9.59
N THR A 377 -5.30 -25.10 10.47
CA THR A 377 -4.86 -23.89 11.16
C THR A 377 -4.09 -22.94 10.26
N ALA A 378 -3.62 -23.40 9.10
CA ALA A 378 -3.01 -22.50 8.12
C ALA A 378 -4.02 -21.95 7.13
N ALA A 379 -5.04 -22.72 6.77
CA ALA A 379 -6.06 -22.25 5.85
C ALA A 379 -7.05 -21.31 6.52
N SER A 380 -7.27 -21.45 7.83
CA SER A 380 -8.19 -20.56 8.52
C SER A 380 -7.59 -19.19 8.79
N CYS A 381 -6.29 -19.00 8.55
CA CYS A 381 -5.69 -17.68 8.72
C CYS A 381 -6.29 -16.67 7.77
N ILE A 382 -6.56 -17.08 6.53
CA ILE A 382 -6.96 -16.16 5.48
C ILE A 382 -8.28 -15.48 5.80
N ILE A 383 -9.06 -16.01 6.74
CA ILE A 383 -10.28 -15.32 7.15
C ILE A 383 -9.96 -14.01 7.85
N GLY A 384 -8.72 -13.84 8.30
CA GLY A 384 -8.29 -12.63 8.96
C GLY A 384 -8.37 -11.39 8.10
N PRO A 385 -7.63 -11.37 6.99
CA PRO A 385 -7.58 -10.17 6.15
C PRO A 385 -8.82 -9.98 5.27
N LEU A 386 -9.88 -10.73 5.53
CA LEU A 386 -11.12 -10.61 4.77
C LEU A 386 -12.23 -9.93 5.58
N VAL A 387 -12.54 -10.44 6.75
CA VAL A 387 -13.55 -9.79 7.60
C VAL A 387 -12.97 -8.49 8.14
N PRO A 388 -13.74 -7.40 8.23
CA PRO A 388 -13.18 -6.14 8.69
C PRO A 388 -12.81 -6.22 10.16
N PRO A 389 -11.72 -5.56 10.58
CA PRO A 389 -10.79 -4.77 9.77
C PRO A 389 -9.76 -5.62 9.06
N SER A 390 -9.10 -5.06 8.04
CA SER A 390 -8.01 -5.73 7.36
C SER A 390 -7.03 -4.69 6.86
N ILE A 391 -5.78 -5.10 6.72
CA ILE A 391 -4.74 -4.17 6.28
C ILE A 391 -4.54 -4.24 4.77
N SER A 392 -4.78 -5.39 4.14
CA SER A 392 -4.69 -5.48 2.70
C SER A 392 -5.71 -4.57 2.03
N MET A 393 -6.93 -4.51 2.57
CA MET A 393 -7.94 -3.63 1.99
C MET A 393 -7.60 -2.16 2.21
N ILE A 394 -6.96 -1.82 3.33
CA ILE A 394 -6.53 -0.44 3.53
C ILE A 394 -5.45 -0.06 2.52
N ILE A 395 -4.50 -0.97 2.28
CA ILE A 395 -3.47 -0.72 1.28
C ILE A 395 -4.08 -0.57 -0.11
N TYR A 396 -5.05 -1.43 -0.44
CA TYR A 396 -5.72 -1.29 -1.74
C TYR A 396 -6.48 0.03 -1.84
N GLY A 397 -7.18 0.42 -0.78
CA GLY A 397 -7.89 1.68 -0.80
C GLY A 397 -6.98 2.88 -0.92
N VAL A 398 -5.77 2.78 -0.37
CA VAL A 398 -4.78 3.84 -0.56
C VAL A 398 -4.29 3.85 -2.01
N ILE A 399 -3.97 2.68 -2.55
CA ILE A 399 -3.41 2.61 -3.90
C ILE A 399 -4.46 2.95 -4.94
N ALA A 400 -5.66 2.39 -4.82
CA ALA A 400 -6.70 2.57 -5.81
C ALA A 400 -7.56 3.80 -5.56
N ASN A 401 -7.29 4.55 -4.49
CA ASN A 401 -8.07 5.73 -4.12
C ASN A 401 -9.55 5.37 -3.94
N GLN A 402 -9.81 4.20 -3.38
CA GLN A 402 -11.16 3.73 -3.11
C GLN A 402 -11.53 4.00 -1.66
N SER A 403 -12.84 3.98 -1.40
CA SER A 403 -13.32 4.12 -0.03
C SER A 403 -12.97 2.87 0.77
N ILE A 404 -12.67 3.06 2.05
CA ILE A 404 -12.25 1.94 2.90
C ILE A 404 -13.42 1.34 3.66
N ALA A 405 -14.40 2.14 4.05
CA ALA A 405 -15.59 1.58 4.67
C ALA A 405 -16.32 0.66 3.70
N LYS A 406 -16.43 1.07 2.43
CA LYS A 406 -17.07 0.22 1.43
C LYS A 406 -16.26 -1.04 1.19
N LEU A 407 -14.93 -0.93 1.18
CA LEU A 407 -14.11 -2.11 1.01
C LEU A 407 -14.32 -3.09 2.17
N PHE A 408 -14.37 -2.60 3.40
CA PHE A 408 -14.61 -3.47 4.55
C PHE A 408 -15.97 -4.15 4.45
N LEU A 409 -17.02 -3.37 4.19
CA LEU A 409 -18.36 -3.94 4.12
C LEU A 409 -18.46 -4.96 3.00
N ALA A 410 -17.81 -4.69 1.86
CA ALA A 410 -17.82 -5.64 0.76
C ALA A 410 -17.10 -6.92 1.13
N GLY A 411 -15.94 -6.81 1.79
CA GLY A 411 -15.18 -7.99 2.12
C GLY A 411 -15.69 -8.77 3.30
N PHE A 412 -16.68 -8.25 4.02
CA PHE A 412 -17.26 -8.99 5.13
C PHE A 412 -17.84 -10.33 4.67
N VAL A 413 -18.66 -10.31 3.61
CA VAL A 413 -19.37 -11.52 3.20
C VAL A 413 -18.45 -12.64 2.73
N PRO A 414 -17.43 -12.39 1.89
CA PRO A 414 -16.53 -13.49 1.52
C PRO A 414 -15.86 -14.15 2.70
N GLY A 415 -15.62 -13.43 3.79
CA GLY A 415 -15.11 -14.07 4.99
C GLY A 415 -16.05 -15.13 5.53
N PHE A 416 -17.34 -14.81 5.58
CA PHE A 416 -18.33 -15.78 6.04
C PHE A 416 -18.47 -16.94 5.07
N LEU A 417 -18.41 -16.66 3.76
CA LEU A 417 -18.45 -17.75 2.80
C LEU A 417 -17.27 -18.70 2.98
N THR A 418 -16.08 -18.15 3.18
CA THR A 418 -14.91 -18.99 3.42
C THR A 418 -15.05 -19.76 4.73
N THR A 419 -15.60 -19.12 5.77
CA THR A 419 -15.80 -19.80 7.03
C THR A 419 -16.73 -21.00 6.89
N ILE A 420 -17.86 -20.80 6.22
CA ILE A 420 -18.82 -21.89 6.03
C ILE A 420 -18.21 -22.99 5.17
N ALA A 421 -17.51 -22.62 4.11
CA ALA A 421 -16.90 -23.61 3.24
C ALA A 421 -15.85 -24.43 3.97
N LEU A 422 -15.02 -23.77 4.79
CA LEU A 422 -14.00 -24.49 5.55
C LEU A 422 -14.62 -25.38 6.60
N MET A 423 -15.70 -24.93 7.26
CA MET A 423 -16.38 -25.79 8.20
C MET A 423 -16.93 -27.04 7.51
N ILE A 424 -17.52 -26.86 6.32
CA ILE A 424 -18.08 -28.00 5.60
C ILE A 424 -16.98 -28.97 5.18
N MET A 425 -15.87 -28.45 4.65
CA MET A 425 -14.77 -29.32 4.24
C MET A 425 -14.17 -30.05 5.42
N ASN A 426 -13.99 -29.35 6.55
CA ASN A 426 -13.46 -30.00 7.75
C ASN A 426 -14.40 -31.09 8.25
N TYR A 427 -15.71 -30.83 8.22
CA TYR A 427 -16.67 -31.85 8.62
C TYR A 427 -16.56 -33.08 7.72
N PHE A 428 -16.47 -32.88 6.41
CA PHE A 428 -16.35 -34.02 5.50
C PHE A 428 -15.05 -34.78 5.74
N VAL A 429 -13.94 -34.06 5.94
CA VAL A 429 -12.65 -34.73 6.17
C VAL A 429 -12.70 -35.56 7.45
N CYS A 430 -13.23 -34.99 8.53
CA CYS A 430 -13.25 -35.70 9.80
C CYS A 430 -14.25 -36.85 9.78
N LYS A 431 -15.37 -36.71 9.08
CA LYS A 431 -16.32 -37.81 9.02
C LYS A 431 -15.83 -38.93 8.11
N LYS A 432 -15.04 -38.60 7.09
CA LYS A 432 -14.39 -39.62 6.28
C LYS A 432 -13.32 -40.36 7.09
N ARG A 433 -12.45 -39.61 7.77
CA ARG A 433 -11.47 -40.23 8.64
C ARG A 433 -12.11 -40.88 9.86
N GLY A 434 -13.33 -40.48 10.20
CA GLY A 434 -14.03 -41.05 11.34
C GLY A 434 -13.41 -40.73 12.68
N TYR A 435 -13.01 -39.48 12.89
CA TYR A 435 -12.45 -39.10 14.18
C TYR A 435 -13.52 -39.14 15.27
N LYS A 436 -13.10 -39.42 16.49
CA LYS A 436 -14.02 -39.54 17.60
C LYS A 436 -14.64 -38.17 17.92
N LYS A 437 -15.67 -38.20 18.75
CA LYS A 437 -16.45 -37.01 19.08
C LYS A 437 -16.28 -36.70 20.56
N THR A 438 -15.94 -35.45 20.87
CA THR A 438 -15.73 -35.04 22.24
C THR A 438 -17.06 -34.87 22.97
N ALA A 439 -17.04 -35.11 24.28
CA ALA A 439 -18.24 -34.95 25.09
C ALA A 439 -18.65 -33.49 25.16
N LYS A 440 -19.96 -33.26 25.21
CA LYS A 440 -20.49 -31.91 25.26
C LYS A 440 -20.09 -31.22 26.56
N ALA A 441 -19.78 -29.93 26.46
CA ALA A 441 -19.43 -29.16 27.64
C ALA A 441 -20.63 -29.03 28.56
N SER A 442 -20.38 -29.09 29.87
CA SER A 442 -21.46 -28.98 30.84
C SER A 442 -22.13 -27.61 30.73
N PRO A 443 -23.42 -27.52 31.02
CA PRO A 443 -24.11 -26.24 30.87
C PRO A 443 -23.56 -25.14 31.76
N LYS A 444 -22.83 -25.49 32.82
CA LYS A 444 -22.18 -24.46 33.63
C LYS A 444 -20.97 -23.88 32.91
N GLU A 445 -20.14 -24.74 32.30
CA GLU A 445 -18.93 -24.24 31.65
C GLU A 445 -19.26 -23.42 30.40
N ARG A 446 -20.27 -23.84 29.64
CA ARG A 446 -20.66 -23.10 28.45
C ARG A 446 -21.10 -21.68 28.76
N TRP A 447 -21.50 -21.42 30.00
CA TRP A 447 -21.83 -20.06 30.43
C TRP A 447 -20.64 -19.38 31.11
N ILE A 448 -19.85 -20.14 31.86
CA ILE A 448 -18.71 -19.57 32.57
C ILE A 448 -17.68 -19.05 31.58
N ALA A 449 -17.36 -19.83 30.56
CA ALA A 449 -16.39 -19.40 29.57
C ALA A 449 -16.89 -18.18 28.81
N PHE A 450 -18.19 -18.14 28.50
CA PHE A 450 -18.74 -16.97 27.81
C PHE A 450 -18.65 -15.73 28.67
N LYS A 451 -18.97 -15.85 29.96
CA LYS A 451 -18.91 -14.69 30.83
C LYS A 451 -17.48 -14.21 31.01
N LYS A 452 -16.52 -15.14 31.11
CA LYS A 452 -15.12 -14.75 31.23
C LYS A 452 -14.63 -14.03 29.98
N SER A 453 -14.86 -14.64 28.81
CA SER A 453 -14.52 -14.00 27.53
C SER A 453 -15.75 -13.33 26.92
N PHE A 454 -16.34 -12.40 27.68
CA PHE A 454 -17.48 -11.64 27.21
C PHE A 454 -17.09 -10.25 26.74
N TRP A 455 -16.13 -9.61 27.38
CA TRP A 455 -15.73 -8.27 26.98
C TRP A 455 -14.89 -8.28 25.71
N ALA A 456 -14.18 -9.38 25.44
CA ALA A 456 -13.44 -9.48 24.19
C ALA A 456 -14.39 -9.51 23.00
N LEU A 457 -15.47 -10.28 23.10
CA LEU A 457 -16.39 -10.46 21.98
C LEU A 457 -17.03 -9.15 21.54
N LEU A 458 -17.03 -8.13 22.38
CA LEU A 458 -17.62 -6.86 22.00
C LEU A 458 -16.70 -6.00 21.14
N THR A 459 -15.46 -6.43 20.91
CA THR A 459 -14.57 -5.63 20.08
C THR A 459 -15.06 -5.51 18.63
N PRO A 460 -15.42 -6.58 17.93
CA PRO A 460 -15.95 -6.39 16.56
C PRO A 460 -17.19 -5.54 16.51
N ILE A 461 -18.06 -5.64 17.52
CA ILE A 461 -19.27 -4.82 17.51
C ILE A 461 -18.91 -3.34 17.60
N LEU A 462 -17.84 -3.00 18.31
CA LEU A 462 -17.34 -1.63 18.26
C LEU A 462 -16.80 -1.29 16.89
N ILE A 463 -16.10 -2.22 16.25
CA ILE A 463 -15.45 -1.93 14.98
C ILE A 463 -16.45 -2.04 13.84
N ILE A 464 -16.94 -3.26 13.59
CA ILE A 464 -17.84 -3.48 12.47
C ILE A 464 -19.12 -2.68 12.66
N GLY A 465 -19.74 -2.82 13.83
CA GLY A 465 -20.91 -2.01 14.13
C GLY A 465 -20.63 -0.52 14.14
N GLY A 466 -19.37 -0.13 14.34
CA GLY A 466 -19.02 1.28 14.25
C GLY A 466 -18.83 1.74 12.83
N ILE A 467 -18.46 0.84 11.93
CA ILE A 467 -18.24 1.21 10.53
C ILE A 467 -19.51 1.05 9.71
N PHE A 468 -20.20 -0.09 9.89
CA PHE A 468 -21.42 -0.34 9.14
C PHE A 468 -22.49 0.69 9.47
N SER A 469 -22.64 1.03 10.76
CA SER A 469 -23.64 2.00 11.14
C SER A 469 -23.25 3.44 10.80
N GLY A 470 -22.02 3.67 10.37
CA GLY A 470 -21.60 4.99 9.99
C GLY A 470 -21.26 5.92 11.12
N ILE A 471 -21.27 5.43 12.37
CA ILE A 471 -20.91 6.28 13.50
C ILE A 471 -19.44 6.67 13.43
N PHE A 472 -18.58 5.71 13.09
CA PHE A 472 -17.14 5.92 13.10
C PHE A 472 -16.55 5.66 11.71
N THR A 473 -15.64 6.54 11.31
CA THR A 473 -14.82 6.28 10.15
C THR A 473 -13.81 5.19 10.47
N PRO A 474 -13.22 4.55 9.45
CA PRO A 474 -12.27 3.46 9.74
C PRO A 474 -11.13 3.86 10.67
N THR A 475 -10.63 5.09 10.58
CA THR A 475 -9.56 5.50 11.47
C THR A 475 -10.08 5.76 12.89
N GLU A 476 -11.25 6.38 13.00
CA GLU A 476 -11.86 6.55 14.32
C GLU A 476 -12.22 5.20 14.92
N ALA A 477 -12.66 4.27 14.09
CA ALA A 477 -12.90 2.90 14.56
C ALA A 477 -11.61 2.27 15.05
N ALA A 478 -10.50 2.49 14.35
CA ALA A 478 -9.22 1.94 14.77
C ALA A 478 -8.79 2.51 16.11
N VAL A 479 -8.94 3.82 16.29
CA VAL A 479 -8.53 4.44 17.55
C VAL A 479 -9.41 3.98 18.70
N ILE A 480 -10.72 3.88 18.48
CA ILE A 480 -11.60 3.42 19.55
C ILE A 480 -11.33 1.96 19.87
N ALA A 481 -11.01 1.15 18.86
CA ALA A 481 -10.63 -0.23 19.12
C ALA A 481 -9.34 -0.30 19.93
N THR A 482 -8.38 0.57 19.64
CA THR A 482 -7.14 0.60 20.42
C THR A 482 -7.42 0.98 21.87
N PHE A 483 -8.26 1.99 22.08
CA PHE A 483 -8.61 2.40 23.44
C PHE A 483 -9.33 1.29 24.19
N TYR A 484 -10.26 0.60 23.52
CA TYR A 484 -10.96 -0.50 24.15
C TYR A 484 -10.03 -1.66 24.46
N SER A 485 -9.07 -1.93 23.58
CA SER A 485 -8.11 -2.99 23.85
C SER A 485 -7.22 -2.64 25.04
N ILE A 486 -6.85 -1.38 25.18
CA ILE A 486 -6.08 -0.95 26.35
C ILE A 486 -6.90 -1.11 27.62
N ILE A 487 -8.17 -0.70 27.59
CA ILE A 487 -9.02 -0.87 28.75
C ILE A 487 -9.18 -2.34 29.09
N LEU A 488 -9.31 -3.20 28.06
CA LEU A 488 -9.43 -4.62 28.28
C LEU A 488 -8.19 -5.20 28.95
N GLY A 489 -7.02 -4.92 28.37
CA GLY A 489 -5.80 -5.55 28.83
C GLY A 489 -5.24 -4.98 30.12
N GLY A 490 -5.61 -3.76 30.47
CA GLY A 490 -5.00 -3.13 31.63
C GLY A 490 -5.91 -2.96 32.82
N PHE A 491 -7.21 -2.93 32.59
CA PHE A 491 -8.15 -2.59 33.65
C PHE A 491 -9.33 -3.56 33.80
N ILE A 492 -9.52 -4.51 32.90
CA ILE A 492 -10.60 -5.48 33.05
C ILE A 492 -10.02 -6.87 33.21
N TYR A 493 -8.89 -7.13 32.56
CA TYR A 493 -8.18 -8.40 32.73
C TYR A 493 -6.85 -8.24 33.44
N LYS A 494 -6.35 -7.01 33.60
CA LYS A 494 -5.15 -6.70 34.38
C LYS A 494 -3.94 -7.48 33.87
N GLU A 495 -3.66 -7.32 32.58
CA GLU A 495 -2.53 -8.01 31.98
C GLU A 495 -1.69 -7.10 31.10
N LEU A 496 -1.98 -5.79 31.07
CA LEU A 496 -1.21 -4.84 30.29
C LEU A 496 -0.58 -3.83 31.24
N THR A 497 0.75 -3.75 31.23
CA THR A 497 1.47 -2.77 32.02
C THR A 497 1.68 -1.50 31.20
N VAL A 498 2.59 -0.64 31.64
CA VAL A 498 2.95 0.53 30.85
C VAL A 498 4.18 0.25 30.00
N LYS A 499 5.18 -0.46 30.54
CA LYS A 499 6.35 -0.82 29.76
C LYS A 499 5.97 -1.70 28.57
N SER A 500 5.10 -2.69 28.81
CA SER A 500 4.69 -3.58 27.73
C SER A 500 3.84 -2.85 26.70
N PHE A 501 2.99 -1.92 27.15
CA PHE A 501 2.22 -1.13 26.19
C PHE A 501 3.13 -0.28 25.33
N PHE A 502 4.16 0.32 25.93
CA PHE A 502 5.11 1.11 25.14
C PHE A 502 5.87 0.24 24.15
N LYS A 503 6.27 -0.96 24.57
CA LYS A 503 6.94 -1.87 23.65
C LYS A 503 6.04 -2.24 22.47
N HIS A 504 4.75 -2.46 22.76
CA HIS A 504 3.81 -2.77 21.68
C HIS A 504 3.64 -1.59 20.74
N CYS A 505 3.63 -0.36 21.27
CA CYS A 505 3.58 0.82 20.41
C CYS A 505 4.82 0.89 19.52
N VAL A 506 5.99 0.62 20.09
CA VAL A 506 7.23 0.69 19.32
C VAL A 506 7.22 -0.34 18.19
N GLU A 507 6.77 -1.57 18.48
CA GLU A 507 6.77 -2.57 17.43
C GLU A 507 5.65 -2.32 16.41
N ALA A 508 4.56 -1.67 16.81
CA ALA A 508 3.57 -1.23 15.84
C ALA A 508 4.16 -0.23 14.86
N VAL A 509 4.93 0.73 15.37
CA VAL A 509 5.60 1.69 14.48
C VAL A 509 6.59 0.97 13.57
N ALA A 510 7.36 0.03 14.12
CA ALA A 510 8.32 -0.70 13.32
C ALA A 510 7.65 -1.49 12.20
N ILE A 511 6.50 -2.10 12.50
CA ILE A 511 5.76 -2.85 11.48
C ILE A 511 5.21 -1.91 10.42
N SER A 512 4.65 -0.77 10.82
CA SER A 512 4.04 0.12 9.84
C SER A 512 5.06 0.86 8.99
N GLY A 513 6.31 0.96 9.44
CA GLY A 513 7.31 1.66 8.63
C GLY A 513 7.59 0.99 7.30
N VAL A 514 7.66 -0.35 7.28
CA VAL A 514 7.97 -1.06 6.05
C VAL A 514 6.83 -0.98 5.05
N THR A 515 5.62 -0.65 5.50
CA THR A 515 4.53 -0.36 4.58
C THR A 515 4.52 1.09 4.17
N VAL A 516 4.92 1.99 5.08
CA VAL A 516 4.94 3.42 4.78
C VAL A 516 5.92 3.71 3.65
N LEU A 517 7.10 3.08 3.70
CA LEU A 517 8.08 3.31 2.65
C LEU A 517 7.53 2.92 1.28
N MET A 518 6.95 1.73 1.19
CA MET A 518 6.42 1.27 -0.08
C MET A 518 5.25 2.14 -0.54
N ILE A 519 4.45 2.62 0.40
CA ILE A 519 3.33 3.50 0.03
C ILE A 519 3.86 4.78 -0.59
N MET A 520 4.84 5.40 0.05
CA MET A 520 5.30 6.70 -0.44
C MET A 520 6.18 6.60 -1.68
N THR A 521 6.76 5.44 -1.97
CA THR A 521 7.44 5.29 -3.26
C THR A 521 6.51 4.82 -4.38
N VAL A 522 5.48 4.04 -4.05
CA VAL A 522 4.48 3.65 -5.04
C VAL A 522 3.69 4.87 -5.49
N THR A 523 3.38 5.79 -4.57
CA THR A 523 2.69 7.01 -4.98
C THR A 523 3.55 7.83 -5.93
N PHE A 524 4.86 7.83 -5.72
CA PHE A 524 5.77 8.54 -6.62
C PHE A 524 5.81 7.89 -7.99
N PHE A 525 5.94 6.56 -8.05
CA PHE A 525 6.07 5.85 -9.32
C PHE A 525 4.76 5.70 -10.08
N GLY A 526 3.62 5.80 -9.38
CA GLY A 526 2.35 5.62 -10.05
C GLY A 526 2.05 6.70 -11.07
N ASP A 527 2.36 7.95 -10.74
CA ASP A 527 2.11 9.02 -11.69
C ASP A 527 3.03 8.92 -12.90
N ILE A 528 4.27 8.49 -12.69
CA ILE A 528 5.18 8.25 -13.80
C ILE A 528 4.62 7.18 -14.72
N ILE A 529 4.13 6.08 -14.14
CA ILE A 529 3.63 4.98 -14.96
C ILE A 529 2.24 5.27 -15.53
N ALA A 530 1.52 6.26 -15.00
CA ALA A 530 0.18 6.57 -15.47
C ALA A 530 0.13 7.74 -16.43
N ARG A 531 1.15 8.58 -16.48
CA ARG A 531 1.21 9.60 -17.51
C ARG A 531 1.71 9.04 -18.84
N GLU A 532 2.42 7.93 -18.82
CA GLU A 532 2.91 7.27 -20.03
C GLU A 532 1.92 6.26 -20.60
N GLN A 533 0.77 6.08 -19.94
CA GLN A 533 -0.30 5.24 -20.46
C GLN A 533 0.16 3.81 -20.75
N VAL A 534 1.02 3.28 -19.86
CA VAL A 534 1.43 1.89 -20.00
C VAL A 534 0.24 0.96 -19.76
N ALA A 535 -0.57 1.28 -18.76
CA ALA A 535 -1.71 0.44 -18.43
C ALA A 535 -2.73 0.38 -19.55
N MET A 536 -2.90 1.46 -20.30
CA MET A 536 -3.82 1.43 -21.44
C MET A 536 -3.34 0.45 -22.49
N ARG A 537 -2.03 0.43 -22.76
CA ARG A 537 -1.49 -0.54 -23.72
C ARG A 537 -1.67 -1.97 -23.22
N VAL A 538 -1.41 -2.21 -21.93
CA VAL A 538 -1.58 -3.56 -21.41
C VAL A 538 -3.04 -3.97 -21.44
N ALA A 539 -3.96 -3.03 -21.21
CA ALA A 539 -5.38 -3.33 -21.29
C ALA A 539 -5.81 -3.64 -22.72
N GLU A 540 -5.23 -2.95 -23.70
CA GLU A 540 -5.50 -3.30 -25.10
C GLU A 540 -5.02 -4.71 -25.40
N ILE A 541 -3.84 -5.08 -24.89
CA ILE A 541 -3.35 -6.44 -25.10
C ILE A 541 -4.29 -7.46 -24.46
N PHE A 542 -4.72 -7.20 -23.22
CA PHE A 542 -5.64 -8.11 -22.55
C PHE A 542 -6.95 -8.27 -23.31
N ILE A 543 -7.53 -7.16 -23.76
CA ILE A 543 -8.77 -7.23 -24.51
C ILE A 543 -8.57 -7.97 -25.82
N LYS A 544 -7.37 -7.84 -26.42
CA LYS A 544 -7.07 -8.66 -27.59
C LYS A 544 -7.09 -10.15 -27.25
N TYR A 545 -6.51 -10.52 -26.10
CA TYR A 545 -6.41 -11.94 -25.75
C TYR A 545 -7.65 -12.47 -25.04
N ALA A 546 -8.42 -11.62 -24.36
CA ALA A 546 -9.59 -12.04 -23.61
C ALA A 546 -10.83 -11.44 -24.25
N THR A 547 -11.80 -12.29 -24.59
CA THR A 547 -12.98 -11.81 -25.30
C THR A 547 -13.95 -11.12 -24.35
N SER A 548 -14.56 -11.89 -23.44
CA SER A 548 -15.55 -11.40 -22.48
C SER A 548 -14.85 -10.87 -21.23
N PRO A 549 -15.49 -9.95 -20.49
CA PRO A 549 -14.89 -9.50 -19.22
C PRO A 549 -14.65 -10.62 -18.24
N MET A 550 -15.44 -11.70 -18.30
CA MET A 550 -15.15 -12.88 -17.51
C MET A 550 -13.81 -13.49 -17.88
N MET A 551 -13.47 -13.47 -19.17
CA MET A 551 -12.16 -13.94 -19.59
C MET A 551 -11.06 -13.06 -19.03
N VAL A 552 -11.29 -11.75 -18.96
CA VAL A 552 -10.32 -10.86 -18.34
C VAL A 552 -10.13 -11.21 -16.87
N LEU A 553 -11.23 -11.47 -16.17
CA LEU A 553 -11.13 -11.84 -14.76
C LEU A 553 -10.37 -13.16 -14.59
N VAL A 554 -10.64 -14.14 -15.44
CA VAL A 554 -9.94 -15.43 -15.34
C VAL A 554 -8.45 -15.24 -15.62
N MET A 555 -8.09 -14.44 -16.62
CA MET A 555 -6.68 -14.21 -16.91
C MET A 555 -5.99 -13.49 -15.75
N ILE A 556 -6.64 -12.47 -15.19
CA ILE A 556 -6.06 -11.76 -14.05
C ILE A 556 -5.86 -12.72 -12.88
N ASN A 557 -6.85 -13.56 -12.60
CA ASN A 557 -6.76 -14.48 -11.47
C ASN A 557 -5.66 -15.51 -11.70
N LEU A 558 -5.52 -16.03 -12.92
CA LEU A 558 -4.44 -16.97 -13.19
C LEU A 558 -3.08 -16.30 -13.03
N LEU A 559 -2.95 -15.05 -13.49
CA LEU A 559 -1.70 -14.34 -13.33
C LEU A 559 -1.35 -14.19 -11.85
N LEU A 560 -2.33 -13.76 -11.05
CA LEU A 560 -2.06 -13.55 -9.63
C LEU A 560 -1.78 -14.85 -8.90
N LEU A 561 -2.49 -15.93 -9.24
CA LEU A 561 -2.23 -17.22 -8.63
C LEU A 561 -0.85 -17.72 -8.97
N PHE A 562 -0.40 -17.52 -10.22
CA PHE A 562 0.94 -17.93 -10.60
C PHE A 562 2.00 -17.11 -9.89
N LEU A 563 1.79 -15.79 -9.79
CA LEU A 563 2.79 -14.93 -9.16
C LEU A 563 2.89 -15.17 -7.67
N GLY A 564 1.75 -15.37 -7.00
CA GLY A 564 1.76 -15.53 -5.56
C GLY A 564 2.46 -16.79 -5.09
N MET A 565 2.70 -17.75 -5.98
CA MET A 565 3.42 -18.96 -5.60
C MET A 565 4.85 -18.64 -5.18
N PHE A 566 5.49 -17.69 -5.89
CA PHE A 566 6.87 -17.33 -5.61
C PHE A 566 7.04 -15.98 -4.94
N ILE A 567 6.03 -15.12 -4.97
CA ILE A 567 6.13 -13.75 -4.48
C ILE A 567 5.20 -13.59 -3.28
N ASP A 568 5.69 -12.97 -2.21
CA ASP A 568 4.90 -12.75 -1.02
C ASP A 568 3.74 -11.80 -1.31
N ALA A 569 2.68 -11.89 -0.50
CA ALA A 569 1.48 -11.11 -0.75
C ALA A 569 1.75 -9.61 -0.61
N LEU A 570 2.51 -9.21 0.41
CA LEU A 570 2.75 -7.80 0.64
C LEU A 570 3.56 -7.19 -0.49
N ALA A 571 4.59 -7.90 -0.97
CA ALA A 571 5.37 -7.39 -2.09
C ALA A 571 4.56 -7.40 -3.38
N LEU A 572 3.74 -8.44 -3.58
CA LEU A 572 2.95 -8.54 -4.80
C LEU A 572 1.92 -7.42 -4.88
N GLN A 573 1.35 -7.04 -3.75
CA GLN A 573 0.32 -6.01 -3.72
C GLN A 573 0.84 -4.65 -4.18
N PHE A 574 2.14 -4.41 -4.08
CA PHE A 574 2.73 -3.19 -4.61
C PHE A 574 3.42 -3.42 -5.94
N LEU A 575 3.76 -4.67 -6.26
CA LEU A 575 4.41 -4.98 -7.53
C LEU A 575 3.43 -4.93 -8.69
N VAL A 576 2.26 -5.55 -8.56
CA VAL A 576 1.36 -5.74 -9.68
C VAL A 576 0.14 -4.83 -9.61
N LEU A 577 -0.36 -4.55 -8.41
CA LEU A 577 -1.60 -3.78 -8.30
C LEU A 577 -1.52 -2.39 -8.91
N PRO A 578 -0.44 -1.61 -8.76
CA PRO A 578 -0.40 -0.31 -9.45
C PRO A 578 -0.56 -0.41 -10.94
N MET A 579 -0.07 -1.49 -11.56
CA MET A 579 -0.16 -1.69 -13.00
C MET A 579 -1.32 -2.60 -13.38
N LEU A 580 -2.16 -2.99 -12.42
CA LEU A 580 -3.29 -3.85 -12.69
C LEU A 580 -4.63 -3.22 -12.35
N ILE A 581 -4.66 -2.23 -11.45
CA ILE A 581 -5.91 -1.52 -11.19
C ILE A 581 -6.41 -0.76 -12.42
N PRO A 582 -5.59 -0.01 -13.16
CA PRO A 582 -6.12 0.68 -14.34
C PRO A 582 -6.72 -0.24 -15.40
N ILE A 583 -6.17 -1.44 -15.58
CA ILE A 583 -6.75 -2.39 -16.52
C ILE A 583 -8.15 -2.78 -16.05
N ALA A 584 -8.28 -3.07 -14.76
CA ALA A 584 -9.59 -3.43 -14.21
C ALA A 584 -10.58 -2.29 -14.34
N GLU A 585 -10.11 -1.05 -14.17
CA GLU A 585 -10.98 0.10 -14.38
C GLU A 585 -11.42 0.22 -15.83
N GLN A 586 -10.50 0.01 -16.76
CA GLN A 586 -10.83 0.20 -18.17
C GLN A 586 -11.80 -0.86 -18.68
N VAL A 587 -11.61 -2.11 -18.26
CA VAL A 587 -12.43 -3.19 -18.82
C VAL A 587 -13.78 -3.24 -18.13
N GLY A 588 -14.09 -2.22 -17.33
CA GLY A 588 -15.40 -2.07 -16.73
C GLY A 588 -15.58 -2.73 -15.38
N ILE A 589 -14.56 -3.42 -14.87
CA ILE A 589 -14.66 -4.10 -13.59
C ILE A 589 -14.81 -3.07 -12.47
N ASP A 590 -15.76 -3.31 -11.57
CA ASP A 590 -15.87 -2.47 -10.39
C ASP A 590 -14.63 -2.65 -9.52
N LEU A 591 -14.16 -1.55 -8.94
CA LEU A 591 -12.88 -1.60 -8.25
C LEU A 591 -12.99 -2.05 -6.80
N VAL A 592 -14.15 -1.89 -6.17
CA VAL A 592 -14.35 -2.46 -4.84
C VAL A 592 -14.38 -3.98 -4.92
N PHE A 593 -15.16 -4.51 -5.85
CA PHE A 593 -15.17 -5.95 -6.08
C PHE A 593 -13.81 -6.45 -6.53
N PHE A 594 -13.13 -5.69 -7.38
CA PHE A 594 -11.79 -6.09 -7.81
C PHE A 594 -10.83 -6.13 -6.63
N GLY A 595 -10.97 -5.18 -5.71
CA GLY A 595 -10.12 -5.20 -4.53
C GLY A 595 -10.37 -6.40 -3.65
N VAL A 596 -11.64 -6.74 -3.43
CA VAL A 596 -11.95 -7.93 -2.65
C VAL A 596 -11.42 -9.18 -3.34
N MET A 597 -11.60 -9.27 -4.66
CA MET A 597 -11.14 -10.45 -5.40
C MET A 597 -9.63 -10.58 -5.38
N THR A 598 -8.90 -9.47 -5.56
CA THR A 598 -7.45 -9.54 -5.51
C THR A 598 -6.95 -9.84 -4.11
N THR A 599 -7.62 -9.32 -3.08
CA THR A 599 -7.24 -9.65 -1.71
C THR A 599 -7.39 -11.14 -1.46
N LEU A 600 -8.54 -11.71 -1.86
CA LEU A 600 -8.75 -13.15 -1.68
C LEU A 600 -7.81 -13.97 -2.55
N ASN A 601 -7.40 -13.42 -3.71
CA ASN A 601 -6.53 -14.16 -4.61
C ASN A 601 -5.09 -14.18 -4.10
N MET A 602 -4.65 -13.08 -3.49
CA MET A 602 -3.32 -13.05 -2.89
C MET A 602 -3.29 -13.76 -1.54
N MET A 603 -4.41 -13.81 -0.83
CA MET A 603 -4.47 -14.59 0.41
C MET A 603 -4.37 -16.09 0.15
N ILE A 604 -4.70 -16.55 -1.05
CA ILE A 604 -4.36 -17.92 -1.41
C ILE A 604 -2.87 -18.06 -1.61
N GLY A 605 -2.21 -16.98 -2.04
CA GLY A 605 -0.78 -17.04 -2.31
C GLY A 605 0.07 -17.31 -1.08
N ILE A 606 -0.47 -17.08 0.11
CA ILE A 606 0.27 -17.42 1.34
C ILE A 606 0.07 -18.88 1.73
N LEU A 607 -0.63 -19.67 0.92
CA LEU A 607 -0.75 -21.10 1.14
C LEU A 607 -0.10 -21.93 0.05
N THR A 608 0.18 -21.35 -1.11
CA THR A 608 0.80 -22.07 -2.22
C THR A 608 2.26 -22.35 -1.90
N PRO A 609 2.71 -23.60 -1.92
CA PRO A 609 3.98 -23.94 -1.29
C PRO A 609 5.18 -23.94 -2.22
N PRO A 610 5.36 -22.94 -3.09
CA PRO A 610 6.75 -22.55 -3.42
C PRO A 610 7.23 -21.45 -2.50
N MET A 611 6.30 -20.61 -2.05
CA MET A 611 6.61 -19.54 -1.10
C MET A 611 5.29 -19.17 -0.43
N GLY A 612 5.08 -19.68 0.78
CA GLY A 612 3.90 -19.36 1.55
C GLY A 612 4.24 -18.90 2.94
N MET A 613 3.91 -17.66 3.27
CA MET A 613 4.24 -17.14 4.59
C MET A 613 3.46 -17.86 5.69
N ALA A 614 2.18 -18.14 5.44
CA ALA A 614 1.37 -18.82 6.44
C ALA A 614 1.89 -20.22 6.72
N LEU A 615 2.36 -20.92 5.70
CA LEU A 615 2.93 -22.25 5.91
C LEU A 615 4.16 -22.18 6.81
N PHE A 616 5.05 -21.21 6.58
CA PHE A 616 6.22 -21.07 7.43
C PHE A 616 5.83 -20.73 8.86
N VAL A 617 4.88 -19.80 9.04
CA VAL A 617 4.48 -19.39 10.38
C VAL A 617 3.87 -20.56 11.14
N VAL A 618 2.98 -21.31 10.48
CA VAL A 618 2.33 -22.43 11.15
C VAL A 618 3.33 -23.54 11.43
N ALA A 619 4.29 -23.75 10.53
CA ALA A 619 5.33 -24.74 10.79
C ALA A 619 6.15 -24.36 12.02
N GLN A 620 6.46 -23.07 12.17
CA GLN A 620 7.19 -22.64 13.35
C GLN A 620 6.38 -22.82 14.61
N VAL A 621 5.09 -22.47 14.58
CA VAL A 621 4.28 -22.53 15.80
C VAL A 621 3.73 -23.91 16.09
N GLY A 622 3.90 -24.87 15.19
CA GLY A 622 3.34 -26.20 15.41
C GLY A 622 4.38 -27.29 15.54
N LYS A 623 5.67 -26.92 15.45
CA LYS A 623 6.77 -27.88 15.56
C LYS A 623 6.62 -29.02 14.54
N MET A 624 6.26 -28.66 13.32
CA MET A 624 6.12 -29.63 12.24
C MET A 624 6.78 -29.08 10.98
N SER A 625 7.19 -29.99 10.10
CA SER A 625 7.88 -29.61 8.88
C SER A 625 6.97 -28.79 7.98
N VAL A 626 7.60 -27.93 7.16
CA VAL A 626 6.83 -27.15 6.19
C VAL A 626 6.23 -28.07 5.14
N SER A 627 6.85 -29.22 4.89
CA SER A 627 6.26 -30.19 3.96
C SER A 627 4.93 -30.71 4.47
N THR A 628 4.85 -31.00 5.78
CA THR A 628 3.59 -31.50 6.34
C THR A 628 2.49 -30.45 6.26
N VAL A 629 2.81 -29.20 6.57
CA VAL A 629 1.81 -28.14 6.48
C VAL A 629 1.39 -27.93 5.04
N ALA A 630 2.35 -27.95 4.11
CA ALA A 630 2.03 -27.77 2.70
C ALA A 630 1.12 -28.88 2.18
N LYS A 631 1.40 -30.12 2.56
CA LYS A 631 0.56 -31.22 2.11
C LYS A 631 -0.80 -31.21 2.79
N GLY A 632 -0.87 -30.74 4.05
CA GLY A 632 -2.13 -30.76 4.77
C GLY A 632 -3.11 -29.68 4.35
N VAL A 633 -2.63 -28.63 3.68
CA VAL A 633 -3.52 -27.56 3.22
C VAL A 633 -4.08 -27.85 1.84
N LEU A 634 -3.60 -28.88 1.15
CA LEU A 634 -4.10 -29.20 -0.19
C LEU A 634 -5.60 -29.48 -0.20
N PRO A 635 -6.16 -30.32 0.69
CA PRO A 635 -7.62 -30.50 0.67
C PRO A 635 -8.40 -29.23 0.94
N PHE A 636 -7.83 -28.29 1.71
CA PHE A 636 -8.56 -27.10 2.12
C PHE A 636 -8.43 -25.94 1.15
N LEU A 637 -7.68 -26.10 0.06
CA LEU A 637 -7.68 -25.10 -0.99
C LEU A 637 -8.91 -25.20 -1.89
N LEU A 638 -9.59 -26.34 -1.88
CA LEU A 638 -10.82 -26.47 -2.66
C LEU A 638 -11.93 -25.53 -2.18
N PRO A 639 -12.26 -25.45 -0.88
CA PRO A 639 -13.29 -24.47 -0.47
C PRO A 639 -12.90 -23.02 -0.77
N ILE A 640 -11.62 -22.69 -0.66
CA ILE A 640 -11.19 -21.33 -0.98
C ILE A 640 -11.33 -21.04 -2.46
N PHE A 641 -10.95 -22.01 -3.31
CA PHE A 641 -11.13 -21.83 -4.74
C PHE A 641 -12.60 -21.74 -5.12
N ILE A 642 -13.45 -22.53 -4.46
CA ILE A 642 -14.88 -22.46 -4.72
C ILE A 642 -15.43 -21.09 -4.34
N THR A 643 -15.00 -20.56 -3.20
CA THR A 643 -15.41 -19.21 -2.81
C THR A 643 -14.95 -18.17 -3.82
N LEU A 644 -13.70 -18.30 -4.29
CA LEU A 644 -13.18 -17.35 -5.28
C LEU A 644 -13.99 -17.41 -6.56
N VAL A 645 -14.33 -18.61 -7.02
CA VAL A 645 -15.10 -18.76 -8.25
C VAL A 645 -16.50 -18.18 -8.09
N ILE A 646 -17.17 -18.51 -6.98
CA ILE A 646 -18.55 -18.06 -6.83
C ILE A 646 -18.65 -16.58 -6.48
N ILE A 647 -17.57 -15.94 -6.07
CA ILE A 647 -17.59 -14.48 -6.01
C ILE A 647 -17.13 -13.85 -7.32
N THR A 648 -16.38 -14.58 -8.14
CA THR A 648 -16.03 -14.06 -9.47
C THR A 648 -17.24 -14.03 -10.38
N ILE A 649 -18.02 -15.12 -10.43
CA ILE A 649 -19.15 -15.19 -11.35
C ILE A 649 -20.44 -14.65 -10.75
N PHE A 650 -20.45 -14.31 -9.46
CA PHE A 650 -21.60 -13.64 -8.84
C PHE A 650 -21.10 -12.44 -8.04
N PRO A 651 -20.67 -11.38 -8.71
CA PRO A 651 -20.18 -10.20 -7.99
C PRO A 651 -21.25 -9.53 -7.13
N GLN A 652 -22.53 -9.80 -7.40
CA GLN A 652 -23.59 -9.21 -6.59
C GLN A 652 -23.55 -9.68 -5.15
N ILE A 653 -22.88 -10.80 -4.86
CA ILE A 653 -22.72 -11.25 -3.48
C ILE A 653 -21.88 -10.25 -2.69
N ILE A 654 -20.73 -9.88 -3.24
CA ILE A 654 -19.83 -8.96 -2.53
C ILE A 654 -20.46 -7.58 -2.42
N LEU A 655 -20.97 -7.06 -3.52
CA LEU A 655 -21.49 -5.68 -3.58
C LEU A 655 -22.91 -5.62 -3.03
N PHE A 656 -23.08 -6.12 -1.81
CA PHE A 656 -24.38 -6.16 -1.16
C PHE A 656 -24.44 -5.24 0.05
N LEU A 657 -23.53 -5.41 1.00
CA LEU A 657 -23.50 -4.53 2.16
C LEU A 657 -23.18 -3.08 1.81
N PRO A 658 -22.14 -2.77 1.01
CA PRO A 658 -21.87 -1.36 0.71
C PRO A 658 -23.03 -0.63 0.06
N ASN A 659 -23.77 -1.31 -0.81
CA ASN A 659 -24.89 -0.67 -1.51
C ASN A 659 -26.09 -0.53 -0.59
N VAL B 2 10.04 29.74 -32.33
CA VAL B 2 8.99 28.79 -32.00
C VAL B 2 7.74 29.53 -31.52
N GLN B 3 6.85 29.83 -32.45
CA GLN B 3 5.67 30.64 -32.21
C GLN B 3 4.45 29.75 -32.08
N LEU B 4 3.71 29.89 -30.98
CA LEU B 4 2.49 29.13 -30.73
C LEU B 4 1.35 30.12 -30.55
N GLN B 5 0.52 30.29 -31.57
CA GLN B 5 -0.57 31.25 -31.55
C GLN B 5 -1.89 30.52 -31.35
N GLU B 6 -2.65 30.97 -30.35
CA GLU B 6 -3.87 30.29 -29.94
C GLU B 6 -5.11 31.02 -30.44
N SER B 7 -6.22 30.28 -30.48
CA SER B 7 -7.50 30.84 -30.85
C SER B 7 -8.61 30.00 -30.22
N GLY B 8 -9.75 30.63 -30.03
CA GLY B 8 -10.90 29.98 -29.43
C GLY B 8 -11.03 30.27 -27.95
N GLY B 9 -12.15 29.84 -27.39
CA GLY B 9 -12.42 30.07 -25.99
C GLY B 9 -13.59 31.00 -25.76
N GLY B 10 -13.66 31.61 -24.59
CA GLY B 10 -14.76 32.51 -24.26
C GLY B 10 -15.62 31.97 -23.14
N LEU B 11 -16.88 32.39 -23.09
CA LEU B 11 -17.80 32.03 -22.03
C LEU B 11 -18.92 31.16 -22.58
N VAL B 12 -19.23 30.07 -21.87
CA VAL B 12 -20.28 29.14 -22.25
C VAL B 12 -21.02 28.68 -20.99
N GLN B 13 -22.09 27.93 -21.20
CA GLN B 13 -22.81 27.27 -20.13
C GLN B 13 -22.31 25.84 -19.98
N ALA B 14 -22.97 25.06 -19.14
CA ALA B 14 -22.60 23.66 -18.97
C ALA B 14 -22.86 22.89 -20.26
N GLY B 15 -21.91 22.03 -20.63
CA GLY B 15 -22.02 21.30 -21.87
C GLY B 15 -21.87 22.16 -23.11
N GLY B 16 -21.25 23.34 -22.98
CA GLY B 16 -21.11 24.25 -24.10
C GLY B 16 -20.23 23.72 -25.22
N SER B 17 -19.40 22.73 -24.93
CA SER B 17 -18.56 22.07 -25.94
C SER B 17 -17.67 23.08 -26.66
N LEU B 18 -16.76 23.68 -25.89
CA LEU B 18 -15.83 24.64 -26.45
C LEU B 18 -14.79 23.95 -27.32
N ARG B 19 -14.18 24.73 -28.21
CA ARG B 19 -13.13 24.23 -29.07
C ARG B 19 -12.01 25.25 -29.13
N LEU B 20 -10.77 24.77 -29.05
CA LEU B 20 -9.58 25.61 -29.07
C LEU B 20 -8.64 25.13 -30.17
N SER B 21 -7.88 26.07 -30.73
CA SER B 21 -6.90 25.77 -31.76
C SER B 21 -5.58 26.42 -31.41
N CYS B 22 -4.49 25.77 -31.81
CA CYS B 22 -3.15 26.28 -31.59
C CYS B 22 -2.32 26.01 -32.84
N THR B 23 -1.89 27.09 -33.50
CA THR B 23 -1.06 27.00 -34.69
C THR B 23 0.39 27.18 -34.28
N THR B 24 1.25 26.26 -34.70
CA THR B 24 2.65 26.25 -34.33
C THR B 24 3.54 26.51 -35.54
N SER B 25 4.59 27.27 -35.33
CA SER B 25 5.49 27.62 -36.41
C SER B 25 6.91 27.73 -35.86
N GLY B 26 7.89 27.56 -36.75
CA GLY B 26 9.27 27.71 -36.38
C GLY B 26 9.98 26.43 -35.96
N PHE B 27 9.39 25.27 -36.21
CA PHE B 27 10.00 23.99 -35.85
C PHE B 27 9.29 22.90 -36.64
N ASN B 28 9.69 21.65 -36.42
CA ASN B 28 9.02 20.50 -37.00
C ASN B 28 7.80 20.18 -36.16
N PHE B 29 6.61 20.30 -36.76
CA PHE B 29 5.38 20.01 -36.03
C PHE B 29 5.34 18.57 -35.53
N ASP B 30 6.10 17.67 -36.16
CA ASP B 30 6.06 16.26 -35.81
C ASP B 30 7.03 15.91 -34.69
N ASP B 31 8.25 16.46 -34.71
CA ASP B 31 9.23 16.13 -33.69
C ASP B 31 8.82 16.64 -32.32
N TYR B 32 8.48 17.92 -32.23
CA TYR B 32 8.21 18.54 -30.93
C TYR B 32 6.89 18.05 -30.38
N ALA B 33 6.91 17.59 -29.13
CA ALA B 33 5.68 17.23 -28.45
C ALA B 33 4.87 18.49 -28.18
N ILE B 34 3.59 18.48 -28.56
CA ILE B 34 2.74 19.66 -28.42
C ILE B 34 1.65 19.32 -27.43
N GLY B 35 1.03 20.33 -26.85
CA GLY B 35 -0.02 20.05 -25.88
C GLY B 35 -0.60 21.31 -25.30
N TRP B 36 -1.49 21.12 -24.34
CA TRP B 36 -2.17 22.18 -23.63
C TRP B 36 -2.09 21.91 -22.13
N PHE B 37 -2.02 22.99 -21.35
CA PHE B 37 -2.20 22.88 -19.91
C PHE B 37 -3.15 23.97 -19.44
N ARG B 38 -3.65 23.80 -18.22
CA ARG B 38 -4.66 24.66 -17.63
C ARG B 38 -4.10 25.33 -16.38
N GLN B 39 -4.57 26.54 -16.12
CA GLN B 39 -4.21 27.25 -14.89
C GLN B 39 -5.41 28.04 -14.40
N ALA B 40 -5.84 27.75 -13.18
CA ALA B 40 -6.96 28.46 -12.59
C ALA B 40 -6.55 29.88 -12.23
N PRO B 41 -7.51 30.79 -12.06
CA PRO B 41 -7.15 32.16 -11.67
C PRO B 41 -6.62 32.25 -10.26
N GLY B 42 -5.37 31.85 -10.06
CA GLY B 42 -4.71 31.90 -8.77
C GLY B 42 -4.20 30.57 -8.26
N LYS B 43 -4.53 29.45 -8.89
CA LYS B 43 -4.11 28.15 -8.43
C LYS B 43 -2.98 27.61 -9.30
N GLU B 44 -2.41 26.49 -8.85
CA GLU B 44 -1.29 25.89 -9.55
C GLU B 44 -1.72 25.35 -10.91
N ARG B 45 -0.81 25.42 -11.88
CA ARG B 45 -1.12 24.97 -13.24
C ARG B 45 -1.25 23.46 -13.28
N GLU B 46 -2.15 22.97 -14.11
CA GLU B 46 -2.43 21.55 -14.26
C GLU B 46 -2.39 21.19 -15.74
N GLY B 47 -1.68 20.12 -16.07
CA GLY B 47 -1.62 19.67 -17.44
C GLY B 47 -2.98 19.15 -17.90
N VAL B 48 -3.31 19.42 -19.16
CA VAL B 48 -4.56 18.99 -19.76
C VAL B 48 -4.33 17.87 -20.76
N SER B 49 -3.49 18.10 -21.77
CA SER B 49 -3.34 17.11 -22.82
C SER B 49 -2.04 17.35 -23.58
N CYS B 50 -1.63 16.35 -24.36
CA CYS B 50 -0.49 16.50 -25.26
C CYS B 50 -0.54 15.41 -26.32
N ILE B 51 -0.04 15.75 -27.51
CA ILE B 51 0.21 14.79 -28.58
C ILE B 51 1.71 14.78 -28.84
N HIS B 52 2.16 13.64 -29.39
CA HIS B 52 3.55 13.25 -29.61
C HIS B 52 4.29 12.97 -28.31
N CYS B 53 3.65 13.14 -27.16
CA CYS B 53 4.30 12.92 -25.89
C CYS B 53 4.34 11.44 -25.53
N THR B 54 3.17 10.83 -25.41
CA THR B 54 3.09 9.41 -25.11
C THR B 54 3.26 8.59 -26.38
N ALA B 55 3.84 7.40 -26.24
CA ALA B 55 4.24 6.61 -27.40
C ALA B 55 3.04 6.21 -28.26
N TYR B 56 1.95 5.77 -27.64
CA TYR B 56 0.83 5.19 -28.37
C TYR B 56 -0.38 6.10 -28.45
N THR B 57 -0.91 6.56 -27.32
CA THR B 57 -2.12 7.36 -27.34
C THR B 57 -1.89 8.70 -26.64
N PRO B 58 -2.66 9.73 -26.98
CA PRO B 58 -2.47 11.04 -26.35
C PRO B 58 -2.69 10.96 -24.85
N TYR B 59 -1.97 11.81 -24.12
CA TYR B 59 -2.12 11.89 -22.68
C TYR B 59 -3.27 12.83 -22.32
N TYR B 60 -4.11 12.38 -21.38
CA TYR B 60 -5.19 13.20 -20.84
C TYR B 60 -5.13 13.16 -19.33
N ALA B 61 -5.41 14.29 -18.69
CA ALA B 61 -5.44 14.33 -17.24
C ALA B 61 -6.66 13.56 -16.71
N ARG B 62 -6.59 13.20 -15.43
CA ARG B 62 -7.66 12.41 -14.84
C ARG B 62 -8.98 13.17 -14.84
N SER B 63 -8.94 14.46 -14.51
CA SER B 63 -10.16 15.25 -14.43
C SER B 63 -10.69 15.68 -15.78
N VAL B 64 -9.95 15.44 -16.87
CA VAL B 64 -10.40 15.77 -18.21
C VAL B 64 -10.46 14.56 -19.12
N ARG B 65 -10.37 13.36 -18.54
CA ARG B 65 -10.41 12.16 -19.37
C ARG B 65 -11.84 11.91 -19.86
N ASP B 66 -11.95 11.38 -21.08
CA ASP B 66 -13.18 10.97 -21.75
C ASP B 66 -14.08 12.14 -22.14
N ARG B 67 -13.77 13.37 -21.74
CA ARG B 67 -14.56 14.53 -22.15
C ARG B 67 -13.72 15.61 -22.82
N PHE B 68 -12.42 15.37 -23.04
CA PHE B 68 -11.56 16.23 -23.83
C PHE B 68 -10.92 15.39 -24.92
N THR B 69 -10.87 15.91 -26.13
CA THR B 69 -10.23 15.21 -27.24
C THR B 69 -9.21 16.13 -27.90
N ILE B 70 -8.00 15.62 -28.11
CA ILE B 70 -6.91 16.37 -28.74
C ILE B 70 -6.67 15.80 -30.12
N SER B 71 -6.67 16.67 -31.13
CA SER B 71 -6.59 16.27 -32.52
C SER B 71 -5.45 17.02 -33.19
N SER B 72 -4.83 16.37 -34.17
CA SER B 72 -3.68 16.93 -34.86
C SER B 72 -4.00 17.14 -36.33
N ASP B 73 -3.38 18.16 -36.93
CA ASP B 73 -3.49 18.42 -38.36
C ASP B 73 -2.10 18.83 -38.84
N ASN B 74 -1.34 17.85 -39.33
CA ASN B 74 0.01 18.12 -39.79
C ASN B 74 0.04 18.93 -41.07
N ALA B 75 -1.09 19.03 -41.77
CA ALA B 75 -1.13 19.79 -43.02
C ALA B 75 -0.90 21.27 -42.77
N THR B 76 -1.65 21.85 -41.84
CA THR B 76 -1.49 23.24 -41.44
C THR B 76 -0.73 23.40 -40.13
N ASN B 77 -0.18 22.31 -39.60
CA ASN B 77 0.55 22.32 -38.33
C ASN B 77 -0.30 22.92 -37.21
N THR B 78 -1.38 22.24 -36.90
CA THR B 78 -2.37 22.75 -35.96
C THR B 78 -2.75 21.68 -34.95
N VAL B 79 -3.07 22.11 -33.73
CA VAL B 79 -3.54 21.24 -32.66
C VAL B 79 -4.87 21.75 -32.17
N PHE B 80 -5.86 20.85 -32.09
CA PHE B 80 -7.20 21.21 -31.68
C PHE B 80 -7.55 20.51 -30.37
N LEU B 81 -8.26 21.22 -29.50
CA LEU B 81 -8.79 20.66 -28.27
C LEU B 81 -10.30 20.86 -28.26
N GLN B 82 -11.05 19.75 -28.18
CA GLN B 82 -12.50 19.79 -28.14
C GLN B 82 -12.94 19.36 -26.75
N MET B 83 -13.69 20.22 -26.06
CA MET B 83 -14.19 19.93 -24.73
C MET B 83 -15.62 19.45 -24.80
N ASN B 84 -15.99 18.62 -23.84
CA ASN B 84 -17.37 18.15 -23.70
C ASN B 84 -17.75 18.17 -22.23
N ASN B 85 -18.99 18.54 -21.95
CA ASN B 85 -19.53 18.57 -20.58
C ASN B 85 -18.67 19.45 -19.67
N LEU B 86 -18.65 20.73 -19.99
CA LEU B 86 -17.85 21.70 -19.24
C LEU B 86 -18.51 22.00 -17.90
N ARG B 87 -17.94 21.47 -16.82
CA ARG B 87 -18.39 21.85 -15.50
C ARG B 87 -17.91 23.25 -15.15
N PRO B 88 -18.60 23.95 -14.26
CA PRO B 88 -18.18 25.32 -13.89
C PRO B 88 -16.84 25.39 -13.18
N GLU B 89 -16.16 24.27 -12.98
CA GLU B 89 -14.83 24.25 -12.35
C GLU B 89 -13.70 24.41 -13.35
N ASP B 90 -14.01 24.51 -14.65
CA ASP B 90 -13.00 24.62 -15.70
C ASP B 90 -12.79 26.06 -16.15
N THR B 91 -13.31 27.04 -15.42
CA THR B 91 -13.09 28.44 -15.73
C THR B 91 -11.64 28.77 -15.42
N ALA B 92 -10.79 28.82 -16.44
CA ALA B 92 -9.36 28.97 -16.22
C ALA B 92 -8.72 29.53 -17.48
N VAL B 93 -7.40 29.43 -17.58
CA VAL B 93 -6.65 29.84 -18.76
C VAL B 93 -5.96 28.61 -19.33
N TYR B 94 -6.13 28.40 -20.62
CA TYR B 94 -5.51 27.28 -21.32
C TYR B 94 -4.35 27.78 -22.17
N TYR B 95 -3.18 27.21 -21.96
CA TYR B 95 -1.96 27.61 -22.66
C TYR B 95 -1.48 26.46 -23.54
N CYS B 96 -1.08 26.80 -24.76
CA CYS B 96 -0.52 25.83 -25.69
C CYS B 96 0.99 25.81 -25.53
N VAL B 97 1.56 24.61 -25.40
CA VAL B 97 2.97 24.43 -25.12
C VAL B 97 3.56 23.43 -26.11
N ALA B 98 4.87 23.53 -26.33
CA ALA B 98 5.60 22.61 -27.18
C ALA B 98 6.99 22.41 -26.59
N ASP B 99 7.55 21.23 -26.83
CA ASP B 99 8.83 20.89 -26.22
C ASP B 99 9.59 19.90 -27.09
N ALA B 100 10.91 20.01 -27.08
CA ALA B 100 11.75 19.18 -27.92
C ALA B 100 11.87 17.75 -27.42
N THR B 101 11.48 17.46 -26.19
CA THR B 101 11.53 16.13 -25.62
C THR B 101 10.14 15.54 -25.58
N ARG B 102 10.02 14.28 -26.01
CA ARG B 102 8.72 13.61 -26.08
C ARG B 102 8.48 12.88 -24.76
N TYR B 103 8.08 13.65 -23.76
CA TYR B 103 7.63 13.11 -22.48
C TYR B 103 6.37 13.84 -22.06
N PRO B 104 5.46 13.16 -21.34
CA PRO B 104 4.08 13.66 -21.16
C PRO B 104 3.89 14.59 -19.97
N TYR B 105 4.54 15.75 -19.99
CA TYR B 105 4.43 16.74 -18.93
C TYR B 105 4.18 18.11 -19.54
N PRO B 106 2.94 18.39 -19.95
CA PRO B 106 2.67 19.66 -20.64
C PRO B 106 2.82 20.88 -19.76
N GLU B 107 2.81 20.73 -18.44
CA GLU B 107 2.95 21.89 -17.57
C GLU B 107 4.39 22.38 -17.46
N PHE B 108 5.37 21.53 -17.76
CA PHE B 108 6.78 21.90 -17.67
C PHE B 108 7.45 21.95 -19.04
N TYR B 109 6.68 22.13 -20.10
CA TYR B 109 7.25 22.24 -21.43
C TYR B 109 7.93 23.59 -21.61
N ASP B 110 8.93 23.62 -22.50
CA ASP B 110 9.79 24.80 -22.62
C ASP B 110 9.03 26.02 -23.13
N TYR B 111 8.31 25.87 -24.23
CA TYR B 111 7.63 26.97 -24.88
C TYR B 111 6.17 27.04 -24.45
N VAL B 112 5.56 28.20 -24.66
CA VAL B 112 4.20 28.43 -24.21
C VAL B 112 3.64 29.63 -24.97
N GLY B 113 2.35 29.54 -25.32
CA GLY B 113 1.66 30.62 -26.00
C GLY B 113 1.02 31.59 -25.02
N GLN B 114 0.28 32.55 -25.58
CA GLN B 114 -0.30 33.61 -24.78
C GLN B 114 -1.34 33.07 -23.80
N GLY B 115 -2.21 32.19 -24.25
CA GLY B 115 -3.23 31.65 -23.39
C GLY B 115 -4.61 32.20 -23.71
N THR B 116 -5.62 31.34 -23.59
CA THR B 116 -7.00 31.72 -23.87
C THR B 116 -7.86 31.46 -22.63
N GLN B 117 -8.84 32.32 -22.41
CA GLN B 117 -9.70 32.23 -21.24
C GLN B 117 -10.90 31.35 -21.54
N VAL B 118 -11.22 30.45 -20.60
CA VAL B 118 -12.42 29.64 -20.65
C VAL B 118 -13.26 29.96 -19.42
N THR B 119 -14.52 30.34 -19.64
CA THR B 119 -15.44 30.66 -18.56
C THR B 119 -16.68 29.80 -18.72
N VAL B 120 -17.10 29.15 -17.64
CA VAL B 120 -18.23 28.24 -17.65
C VAL B 120 -19.22 28.69 -16.58
N SER B 121 -20.49 28.83 -16.99
CA SER B 121 -21.54 29.22 -16.06
C SER B 121 -22.52 28.07 -15.84
#